data_8W6G
#
_entry.id   8W6G
#
_cell.length_a   1.00
_cell.length_b   1.00
_cell.length_c   1.00
_cell.angle_alpha   90.00
_cell.angle_beta   90.00
_cell.angle_gamma   90.00
#
_symmetry.space_group_name_H-M   'P 1'
#
loop_
_entity.id
_entity.type
_entity.pdbx_description
1 polymer 'Solute carrier family 13 member 2'
2 non-polymer '2-[[(~{E})-3-(4-pentylphenyl)prop-2-enoyl]amino]benzoic acid'
3 non-polymer 'CHOLESTEROL HEMISUCCINATE'
4 non-polymer 1,2-DIACYL-GLYCEROL-3-SN-PHOSPHATE
#
_entity_poly.entity_id   1
_entity_poly.type   'polypeptide(L)'
_entity_poly.pdbx_seq_one_letter_code
;MADYKDDDDKSGRMATCWQALWAYRSYLIVFFVPILLLPLPILVPSKEAYCAYAIILMALFWCTEALPLAVTALFPLILF
PMMGIVDASEVAVEYLKDSNLLFFGGLLVAIAVEHWNLHKRIALRVLLIVGVRPAPLILGFMLVTAFLSMWISNTATSAM
MVPIAHAVLDQLHSSQASSNVEEGSNNPTFELQEPSPQKEVTKLDNGQALPVTSASSEGRAHLSQKHLHLTQCMSLCVCY
SASIGGIATLTGTAPNLVLQGQINSLFPQNGNVVNFASWFSFAFPTMVILLLLAWLWLQILFLGFNFRKNFGIGEKMQEQ
QQAAYCVIQTEHRLLGPMTFAEKAISILFVILVLLWFTREPGFFLGWGNLAFPNAKGESMVSDGTVAIFIGIIMFIIPSK
FPGLTQDPENPGKLKAPLGLLDWKTVNQKMPWNIVLLLGGGYALAKGSERSGLSEWLGNKLTPLQSVPAPAIAIILSLLV
ATFTECTSNVATTTIFLPILASMAQAICLHPLYVMLPCTLATSLAFMLPVATPPNAIVFSFGDLKVLDMARAGFLLNIIG
VLVIALAINSWGIPLFSLHSFPSWAQSNTTAQCLPSLANTTTPSP
;
_entity_poly.pdbx_strand_id   A,B
#
# COMPACT_ATOMS: atom_id res chain seq x y z
N MET A 14 -12.66 -14.08 -45.55
CA MET A 14 -11.44 -13.71 -46.27
C MET A 14 -10.85 -12.42 -45.74
N ALA A 15 -11.47 -11.30 -46.11
CA ALA A 15 -10.99 -9.99 -45.67
C ALA A 15 -11.51 -9.60 -44.30
N THR A 16 -12.50 -10.33 -43.77
CA THR A 16 -12.97 -10.05 -42.41
C THR A 16 -12.01 -10.60 -41.37
N CYS A 17 -11.12 -11.51 -41.75
CA CYS A 17 -10.15 -12.03 -40.81
C CYS A 17 -9.14 -10.97 -40.42
N TRP A 18 -8.71 -10.14 -41.36
CA TRP A 18 -7.79 -9.06 -41.00
C TRP A 18 -8.50 -7.91 -40.31
N GLN A 19 -9.83 -7.90 -40.28
CA GLN A 19 -10.54 -6.90 -39.49
C GLN A 19 -10.64 -7.32 -38.03
N ALA A 20 -10.97 -8.58 -37.78
CA ALA A 20 -11.23 -9.03 -36.42
C ALA A 20 -9.95 -9.12 -35.60
N LEU A 21 -8.86 -9.58 -36.23
CA LEU A 21 -7.62 -9.74 -35.48
C LEU A 21 -7.00 -8.41 -35.09
N TRP A 22 -7.31 -7.34 -35.81
CA TRP A 22 -6.84 -6.04 -35.35
C TRP A 22 -7.63 -5.57 -34.14
N ALA A 23 -8.89 -5.97 -34.03
CA ALA A 23 -9.66 -5.63 -32.85
C ALA A 23 -9.19 -6.41 -31.63
N TYR A 24 -8.73 -7.65 -31.82
CA TYR A 24 -8.25 -8.49 -30.74
C TYR A 24 -6.77 -8.34 -30.50
N ARG A 25 -6.20 -7.15 -30.78
CA ARG A 25 -4.75 -6.99 -30.69
C ARG A 25 -4.28 -6.92 -29.24
N SER A 26 -5.19 -6.66 -28.30
CA SER A 26 -4.77 -6.58 -26.91
C SER A 26 -4.87 -7.94 -26.23
N TYR A 27 -5.59 -8.88 -26.84
CA TYR A 27 -5.65 -10.23 -26.26
C TYR A 27 -4.61 -11.15 -26.91
N LEU A 28 -4.14 -10.81 -28.10
CA LEU A 28 -3.13 -11.64 -28.74
C LEU A 28 -1.74 -11.35 -28.20
N ILE A 29 -1.53 -10.15 -27.65
CA ILE A 29 -0.23 -9.84 -27.07
C ILE A 29 -0.05 -10.53 -25.72
N VAL A 30 -1.13 -10.60 -24.92
CA VAL A 30 -1.06 -11.25 -23.61
C VAL A 30 -0.83 -12.75 -23.76
N PHE A 31 -1.31 -13.34 -24.85
CA PHE A 31 -1.14 -14.77 -25.01
C PHE A 31 0.16 -15.14 -25.70
N PHE A 32 0.76 -14.25 -26.48
CA PHE A 32 1.89 -14.63 -27.32
C PHE A 32 3.19 -13.93 -26.97
N VAL A 33 3.20 -12.98 -26.06
CA VAL A 33 4.47 -12.42 -25.58
C VAL A 33 5.12 -13.34 -24.53
N PRO A 34 4.43 -13.87 -23.50
CA PRO A 34 5.13 -14.80 -22.60
C PRO A 34 5.44 -16.17 -23.18
N ILE A 35 5.09 -16.45 -24.44
CA ILE A 35 5.48 -17.70 -25.06
C ILE A 35 6.71 -17.45 -25.91
N LEU A 36 6.77 -16.29 -26.54
CA LEU A 36 7.91 -15.94 -27.38
C LEU A 36 9.15 -15.56 -26.60
N LEU A 37 9.08 -15.44 -25.28
CA LEU A 37 10.26 -15.17 -24.46
C LEU A 37 10.71 -16.37 -23.64
N LEU A 38 9.97 -17.47 -23.70
CA LEU A 38 10.34 -18.72 -23.01
C LEU A 38 11.68 -19.33 -23.40
N PRO A 39 12.29 -19.05 -24.57
CA PRO A 39 13.72 -19.37 -24.71
C PRO A 39 14.65 -18.74 -23.70
N LEU A 40 14.26 -17.66 -23.01
CA LEU A 40 15.17 -17.10 -22.00
C LEU A 40 15.20 -17.92 -20.70
N PRO A 41 14.10 -18.23 -20.02
CA PRO A 41 14.24 -18.99 -18.77
C PRO A 41 14.38 -20.49 -18.96
N ILE A 42 14.55 -20.99 -20.17
CA ILE A 42 14.74 -22.41 -20.41
C ILE A 42 16.14 -22.72 -20.88
N LEU A 43 16.66 -21.95 -21.83
CA LEU A 43 17.96 -22.25 -22.40
C LEU A 43 19.11 -21.83 -21.48
N VAL A 44 18.96 -20.72 -20.76
CA VAL A 44 19.97 -20.30 -19.81
C VAL A 44 19.41 -20.32 -18.39
N PRO A 45 19.28 -21.51 -17.79
CA PRO A 45 18.58 -21.63 -16.51
C PRO A 45 19.39 -21.13 -15.31
N SER A 46 19.33 -19.83 -15.06
CA SER A 46 19.97 -19.23 -13.91
C SER A 46 19.02 -18.22 -13.28
N LYS A 47 19.37 -17.77 -12.08
CA LYS A 47 18.50 -16.82 -11.38
C LYS A 47 18.60 -15.42 -11.95
N GLU A 48 19.65 -15.12 -12.71
CA GLU A 48 19.73 -13.82 -13.35
C GLU A 48 18.86 -13.75 -14.59
N ALA A 49 18.73 -14.88 -15.30
CA ALA A 49 17.86 -14.90 -16.47
C ALA A 49 16.40 -14.92 -16.09
N TYR A 50 16.08 -15.40 -14.88
CA TYR A 50 14.70 -15.36 -14.43
C TYR A 50 14.27 -13.94 -14.08
N CYS A 51 15.21 -13.08 -13.70
CA CYS A 51 14.87 -11.70 -13.39
C CYS A 51 14.89 -10.84 -14.65
N ALA A 52 15.69 -11.21 -15.64
CA ALA A 52 15.67 -10.49 -16.90
C ALA A 52 14.43 -10.82 -17.72
N TYR A 53 13.81 -11.97 -17.46
CA TYR A 53 12.58 -12.33 -18.13
C TYR A 53 11.43 -11.47 -17.62
N ALA A 54 11.40 -11.20 -16.31
CA ALA A 54 10.31 -10.42 -15.75
C ALA A 54 10.43 -8.95 -16.08
N ILE A 55 11.65 -8.49 -16.40
CA ILE A 55 11.84 -7.08 -16.73
C ILE A 55 11.40 -6.79 -18.15
N ILE A 56 11.75 -7.68 -19.08
CA ILE A 56 11.35 -7.51 -20.47
C ILE A 56 9.85 -7.72 -20.63
N LEU A 57 9.27 -8.61 -19.81
CA LEU A 57 7.84 -8.88 -19.90
C LEU A 57 7.01 -7.69 -19.47
N MET A 58 7.37 -7.06 -18.35
CA MET A 58 6.61 -5.90 -17.88
C MET A 58 6.86 -4.68 -18.74
N ALA A 59 8.02 -4.59 -19.38
CA ALA A 59 8.29 -3.45 -20.25
C ALA A 59 7.56 -3.58 -21.58
N LEU A 60 7.24 -4.81 -21.98
CA LEU A 60 6.49 -5.00 -23.22
C LEU A 60 4.99 -4.88 -23.00
N PHE A 61 4.51 -5.07 -21.77
CA PHE A 61 3.10 -4.89 -21.49
C PHE A 61 2.74 -3.44 -21.26
N TRP A 62 3.73 -2.58 -21.05
CA TRP A 62 3.47 -1.16 -20.87
C TRP A 62 3.48 -0.41 -22.19
N CYS A 63 4.38 -0.78 -23.09
CA CYS A 63 4.46 -0.06 -24.37
C CYS A 63 3.29 -0.41 -25.27
N THR A 64 2.91 -1.68 -25.33
CA THR A 64 1.78 -2.08 -26.15
C THR A 64 0.44 -1.84 -25.47
N GLU A 65 0.45 -1.54 -24.16
CA GLU A 65 -0.74 -1.20 -23.38
C GLU A 65 -1.79 -2.30 -23.40
N ALA A 66 -1.34 -3.55 -23.29
CA ALA A 66 -2.26 -4.67 -23.33
C ALA A 66 -3.09 -4.76 -22.06
N LEU A 67 -2.46 -4.58 -20.92
CA LEU A 67 -3.13 -4.55 -19.63
C LEU A 67 -3.15 -3.14 -19.08
N PRO A 68 -3.99 -2.84 -18.09
CA PRO A 68 -3.89 -1.57 -17.38
C PRO A 68 -2.55 -1.42 -16.67
N LEU A 69 -2.23 -0.17 -16.33
CA LEU A 69 -0.92 0.13 -15.77
C LEU A 69 -0.76 -0.40 -14.36
N ALA A 70 -1.85 -0.45 -13.59
CA ALA A 70 -1.76 -0.98 -12.25
C ALA A 70 -1.83 -2.49 -12.21
N VAL A 71 -2.34 -3.13 -13.25
CA VAL A 71 -2.40 -4.58 -13.29
C VAL A 71 -1.03 -5.17 -13.61
N THR A 72 -0.29 -4.52 -14.50
CA THR A 72 1.05 -4.97 -14.83
C THR A 72 2.01 -4.79 -13.66
N ALA A 73 1.75 -3.81 -12.80
CA ALA A 73 2.58 -3.62 -11.62
C ALA A 73 2.36 -4.68 -10.55
N LEU A 74 1.33 -5.51 -10.68
CA LEU A 74 1.10 -6.61 -9.75
C LEU A 74 1.82 -7.88 -10.17
N PHE A 75 2.57 -7.85 -11.25
CA PHE A 75 3.29 -9.02 -11.76
C PHE A 75 4.47 -9.49 -10.91
N PRO A 76 5.24 -8.64 -10.21
CA PRO A 76 6.23 -9.21 -9.27
C PRO A 76 5.62 -9.96 -8.08
N LEU A 77 4.33 -9.80 -7.81
CA LEU A 77 3.72 -10.55 -6.74
C LEU A 77 3.45 -12.00 -7.14
N ILE A 78 3.30 -12.27 -8.44
CA ILE A 78 3.04 -13.62 -8.93
C ILE A 78 4.14 -14.12 -9.84
N LEU A 79 5.29 -13.46 -9.90
CA LEU A 79 6.40 -14.00 -10.66
C LEU A 79 7.57 -14.39 -9.76
N PHE A 80 8.05 -13.46 -8.94
CA PHE A 80 9.21 -13.66 -8.09
C PHE A 80 9.08 -14.77 -7.04
N PRO A 81 7.90 -15.03 -6.42
CA PRO A 81 7.80 -16.25 -5.61
C PRO A 81 7.89 -17.55 -6.41
N MET A 82 7.12 -17.67 -7.49
CA MET A 82 7.00 -18.94 -8.18
C MET A 82 8.07 -19.14 -9.24
N MET A 83 9.20 -18.45 -9.16
CA MET A 83 10.40 -18.89 -9.85
C MET A 83 11.63 -18.78 -8.95
N GLY A 84 11.43 -18.65 -7.64
CA GLY A 84 12.49 -18.84 -6.68
C GLY A 84 13.36 -17.63 -6.38
N ILE A 85 12.96 -16.45 -6.83
CA ILE A 85 13.79 -15.27 -6.61
C ILE A 85 13.71 -14.81 -5.16
N VAL A 86 12.50 -14.59 -4.66
CA VAL A 86 12.30 -14.07 -3.32
C VAL A 86 10.95 -14.59 -2.83
N ASP A 87 10.81 -14.71 -1.51
CA ASP A 87 9.60 -15.18 -0.88
C ASP A 87 8.44 -14.22 -1.14
N ALA A 88 7.21 -14.72 -0.98
CA ALA A 88 6.04 -13.90 -1.23
C ALA A 88 5.83 -12.86 -0.15
N SER A 89 6.21 -13.16 1.08
CA SER A 89 6.07 -12.19 2.16
C SER A 89 7.15 -11.12 2.12
N GLU A 90 8.24 -11.36 1.40
CA GLU A 90 9.30 -10.37 1.29
C GLU A 90 9.17 -9.52 0.05
N VAL A 91 8.49 -10.01 -0.99
CA VAL A 91 8.19 -9.18 -2.14
C VAL A 91 6.94 -8.33 -1.89
N ALA A 92 6.16 -8.68 -0.86
CA ALA A 92 4.96 -7.91 -0.58
C ALA A 92 5.30 -6.62 0.16
N VAL A 93 6.30 -6.64 1.05
CA VAL A 93 6.69 -5.38 1.68
C VAL A 93 7.78 -4.72 0.84
N GLU A 94 7.38 -4.26 -0.34
CA GLU A 94 8.16 -3.37 -1.17
C GLU A 94 7.25 -2.37 -1.86
N TYR A 95 5.95 -2.43 -1.60
CA TYR A 95 4.96 -1.76 -2.41
C TYR A 95 4.50 -0.44 -1.82
N LEU A 96 4.69 -0.23 -0.52
CA LEU A 96 4.34 1.07 0.07
C LEU A 96 5.56 1.53 0.85
N LYS A 97 6.48 2.19 0.15
CA LYS A 97 7.69 2.73 0.75
C LYS A 97 7.43 4.17 1.18
N ASP A 98 8.50 4.89 1.48
CA ASP A 98 8.37 6.28 1.92
C ASP A 98 7.94 7.20 0.79
N SER A 99 8.34 6.90 -0.45
CA SER A 99 8.02 7.80 -1.55
C SER A 99 6.60 7.58 -2.06
N ASN A 100 5.96 6.47 -1.69
CA ASN A 100 4.54 6.32 -1.96
C ASN A 100 3.70 7.24 -1.08
N LEU A 101 4.15 7.46 0.15
CA LEU A 101 3.35 8.29 1.06
C LEU A 101 3.56 9.77 0.77
N LEU A 102 4.66 10.11 0.11
CA LEU A 102 4.84 11.50 -0.32
C LEU A 102 3.94 11.81 -1.51
N PHE A 103 3.69 10.83 -2.37
CA PHE A 103 2.72 11.01 -3.44
C PHE A 103 1.31 11.00 -2.91
N PHE A 104 1.06 10.23 -1.85
CA PHE A 104 -0.27 10.17 -1.26
C PHE A 104 -0.62 11.49 -0.58
N GLY A 105 0.26 11.97 0.30
CA GLY A 105 -0.03 13.20 1.02
C GLY A 105 0.11 14.44 0.14
N GLY A 106 0.87 14.33 -0.94
CA GLY A 106 0.96 15.45 -1.86
C GLY A 106 -0.28 15.61 -2.71
N LEU A 107 -0.97 14.51 -2.97
CA LEU A 107 -2.22 14.57 -3.72
C LEU A 107 -3.44 14.77 -2.82
N LEU A 108 -3.28 14.65 -1.51
CA LEU A 108 -4.36 15.07 -0.62
C LEU A 108 -4.51 16.58 -0.61
N VAL A 109 -3.41 17.30 -0.80
CA VAL A 109 -3.48 18.75 -0.89
C VAL A 109 -3.99 19.17 -2.26
N ALA A 110 -3.64 18.41 -3.30
CA ALA A 110 -4.05 18.78 -4.65
C ALA A 110 -5.52 18.49 -4.89
N ILE A 111 -6.13 17.63 -4.07
CA ILE A 111 -7.56 17.39 -4.18
C ILE A 111 -8.33 18.56 -3.55
N ALA A 112 -7.87 19.04 -2.40
CA ALA A 112 -8.53 20.15 -1.73
C ALA A 112 -8.34 21.45 -2.50
N VAL A 113 -7.25 21.59 -3.23
CA VAL A 113 -7.07 22.74 -4.11
C VAL A 113 -8.06 22.68 -5.26
N GLU A 114 -8.25 21.48 -5.83
CA GLU A 114 -9.15 21.32 -6.97
C GLU A 114 -10.61 21.44 -6.56
N HIS A 115 -10.97 20.96 -5.37
CA HIS A 115 -12.37 20.88 -4.99
C HIS A 115 -12.96 22.24 -4.65
N TRP A 116 -12.14 23.16 -4.12
CA TRP A 116 -12.64 24.45 -3.68
C TRP A 116 -12.36 25.55 -4.68
N ASN A 117 -12.11 25.18 -5.95
CA ASN A 117 -11.89 26.09 -7.08
C ASN A 117 -10.73 27.04 -6.84
N LEU A 118 -9.69 26.55 -6.17
CA LEU A 118 -8.45 27.30 -6.08
C LEU A 118 -7.56 27.08 -7.28
N HIS A 119 -7.75 25.97 -8.00
CA HIS A 119 -6.98 25.72 -9.20
C HIS A 119 -7.40 26.65 -10.34
N LYS A 120 -8.59 27.23 -10.25
CA LYS A 120 -9.00 28.20 -11.25
C LYS A 120 -8.41 29.58 -10.95
N ARG A 121 -7.98 29.81 -9.72
CA ARG A 121 -7.35 31.08 -9.38
C ARG A 121 -5.89 31.09 -9.80
N ILE A 122 -5.21 29.96 -9.62
CA ILE A 122 -3.80 29.88 -9.96
C ILE A 122 -3.60 29.84 -11.47
N ALA A 123 -4.45 29.09 -12.17
CA ALA A 123 -4.28 28.92 -13.61
C ALA A 123 -4.62 30.18 -14.38
N LEU A 124 -5.42 31.07 -13.78
CA LEU A 124 -5.68 32.34 -14.43
C LEU A 124 -4.61 33.37 -14.09
N ARG A 125 -3.96 33.22 -12.93
CA ARG A 125 -2.90 34.17 -12.59
C ARG A 125 -1.61 33.82 -13.30
N VAL A 126 -1.44 32.57 -13.69
CA VAL A 126 -0.26 32.20 -14.47
C VAL A 126 -0.39 32.70 -15.90
N LEU A 127 -1.54 32.47 -16.53
CA LEU A 127 -1.73 32.86 -17.92
C LEU A 127 -1.86 34.36 -18.11
N LEU A 128 -2.18 35.11 -17.05
CA LEU A 128 -2.14 36.56 -17.17
C LEU A 128 -0.72 37.08 -17.17
N ILE A 129 0.21 36.34 -16.57
CA ILE A 129 1.60 36.77 -16.51
C ILE A 129 2.35 36.33 -17.75
N VAL A 130 2.33 35.03 -18.04
CA VAL A 130 3.08 34.48 -19.16
C VAL A 130 2.42 34.85 -20.49
N GLY A 131 1.18 34.44 -20.67
CA GLY A 131 0.47 34.73 -21.89
C GLY A 131 0.19 33.50 -22.72
N VAL A 132 -0.79 33.58 -23.61
CA VAL A 132 -1.17 32.43 -24.43
C VAL A 132 -0.17 32.38 -25.58
N ARG A 133 0.89 31.59 -25.39
CA ARG A 133 1.87 31.26 -26.40
C ARG A 133 2.26 29.85 -25.99
N PRO A 134 2.32 28.90 -26.92
CA PRO A 134 2.65 27.52 -26.53
C PRO A 134 4.06 27.31 -26.00
N ALA A 135 5.07 27.77 -26.72
CA ALA A 135 6.45 27.45 -26.36
C ALA A 135 7.04 28.26 -25.20
N PRO A 136 6.79 29.58 -25.03
CA PRO A 136 7.26 30.22 -23.79
C PRO A 136 6.51 29.81 -22.55
N LEU A 137 5.31 29.24 -22.68
CA LEU A 137 4.61 28.74 -21.50
C LEU A 137 5.26 27.47 -20.98
N ILE A 138 5.77 26.63 -21.89
CA ILE A 138 6.42 25.39 -21.47
C ILE A 138 7.76 25.69 -20.82
N LEU A 139 8.51 26.64 -21.36
CA LEU A 139 9.78 27.02 -20.78
C LEU A 139 9.60 27.70 -19.43
N GLY A 140 8.44 28.32 -19.21
CA GLY A 140 8.15 28.88 -17.90
C GLY A 140 7.89 27.81 -16.87
N PHE A 141 7.46 26.62 -17.30
CA PHE A 141 7.20 25.55 -16.36
C PHE A 141 8.43 24.67 -16.17
N MET A 142 9.34 24.67 -17.14
CA MET A 142 10.55 23.89 -17.01
C MET A 142 11.55 24.58 -16.09
N LEU A 143 11.50 25.91 -16.04
CA LEU A 143 12.47 26.63 -15.20
C LEU A 143 12.08 26.58 -13.73
N VAL A 144 10.79 26.72 -13.43
CA VAL A 144 10.35 26.74 -12.04
C VAL A 144 10.43 25.34 -11.44
N THR A 145 10.18 24.31 -12.25
CA THR A 145 10.30 22.94 -11.77
C THR A 145 11.75 22.55 -11.53
N ALA A 146 12.65 22.94 -12.43
CA ALA A 146 14.05 22.61 -12.25
C ALA A 146 14.69 23.44 -11.15
N PHE A 147 14.18 24.64 -10.89
CA PHE A 147 14.70 25.42 -9.79
C PHE A 147 14.23 24.90 -8.45
N LEU A 148 12.98 24.43 -8.39
CA LEU A 148 12.49 23.86 -7.14
C LEU A 148 13.14 22.52 -6.84
N SER A 149 13.48 21.74 -7.86
CA SER A 149 14.03 20.41 -7.64
C SER A 149 15.48 20.44 -7.18
N MET A 150 16.15 21.59 -7.25
CA MET A 150 17.50 21.70 -6.73
C MET A 150 17.56 21.66 -5.22
N TRP A 151 16.45 21.98 -4.54
CA TRP A 151 16.46 22.14 -3.10
C TRP A 151 15.59 21.14 -2.35
N ILE A 152 14.62 20.51 -2.99
CA ILE A 152 13.78 19.51 -2.36
C ILE A 152 13.84 18.23 -3.18
N SER A 153 13.13 17.20 -2.70
CA SER A 153 13.16 15.91 -3.36
C SER A 153 12.37 15.96 -4.66
N ASN A 154 12.72 15.06 -5.58
CA ASN A 154 12.12 15.08 -6.90
C ASN A 154 10.69 14.58 -6.88
N THR A 155 10.33 13.79 -5.87
CA THR A 155 8.94 13.33 -5.76
C THR A 155 8.05 14.44 -5.21
N ALA A 156 8.60 15.30 -4.36
CA ALA A 156 7.80 16.38 -3.80
C ALA A 156 7.57 17.48 -4.82
N THR A 157 8.48 17.62 -5.78
CA THR A 157 8.30 18.62 -6.82
C THR A 157 7.28 18.15 -7.84
N SER A 158 7.32 16.86 -8.20
CA SER A 158 6.40 16.35 -9.21
C SER A 158 4.99 16.20 -8.63
N ALA A 159 4.87 15.94 -7.34
CA ALA A 159 3.55 15.84 -6.74
C ALA A 159 2.89 17.20 -6.58
N MET A 160 3.67 18.28 -6.64
CA MET A 160 3.11 19.62 -6.49
C MET A 160 2.85 20.26 -7.84
N MET A 161 3.77 20.09 -8.80
CA MET A 161 3.71 20.85 -10.04
C MET A 161 2.86 20.19 -11.12
N VAL A 162 2.63 18.88 -11.05
CA VAL A 162 1.83 18.18 -12.05
C VAL A 162 0.34 18.57 -11.95
N PRO A 163 -0.32 18.64 -10.78
CA PRO A 163 -1.70 19.16 -10.80
C PRO A 163 -1.83 20.63 -11.14
N ILE A 164 -0.77 21.42 -10.99
CA ILE A 164 -0.84 22.82 -11.38
C ILE A 164 -0.74 22.94 -12.90
N ALA A 165 0.14 22.14 -13.51
CA ALA A 165 0.29 22.19 -14.96
C ALA A 165 -0.91 21.58 -15.68
N HIS A 166 -1.68 20.74 -14.98
CA HIS A 166 -2.88 20.19 -15.58
C HIS A 166 -4.00 21.22 -15.58
N ALA A 167 -4.04 22.09 -14.57
CA ALA A 167 -5.11 23.07 -14.49
C ALA A 167 -4.88 24.23 -15.45
N VAL A 168 -3.64 24.47 -15.85
CA VAL A 168 -3.36 25.52 -16.81
C VAL A 168 -3.79 25.09 -18.21
N LEU A 169 -3.60 23.81 -18.52
CA LEU A 169 -3.99 23.31 -19.84
C LEU A 169 -5.50 23.22 -19.98
N ASP A 170 -6.21 22.95 -18.89
CA ASP A 170 -7.66 22.92 -18.97
C ASP A 170 -8.24 24.33 -19.06
N GLN A 171 -7.51 25.32 -18.54
CA GLN A 171 -7.98 26.69 -18.67
C GLN A 171 -7.55 27.29 -19.99
N LEU A 172 -6.52 26.73 -20.61
CA LEU A 172 -6.09 27.22 -21.91
C LEU A 172 -7.00 26.71 -23.01
N HIS A 173 -7.34 25.42 -22.96
CA HIS A 173 -8.16 24.82 -24.00
C HIS A 173 -9.60 25.29 -23.93
N SER A 174 -10.11 25.52 -22.72
CA SER A 174 -11.49 26.00 -22.57
C SER A 174 -11.63 27.45 -23.03
N SER A 175 -10.60 28.26 -22.83
CA SER A 175 -10.65 29.66 -23.21
C SER A 175 -10.21 29.90 -24.65
N GLN A 176 -10.04 28.85 -25.45
CA GLN A 176 -9.74 28.99 -26.86
C GLN A 176 -10.92 28.64 -27.75
N ALA A 177 -12.08 28.34 -27.17
CA ALA A 177 -13.27 27.99 -27.94
C ALA A 177 -14.50 28.68 -27.36
N HIS A 229 -1.75 18.06 -29.31
CA HIS A 229 -0.49 17.47 -28.88
C HIS A 229 0.18 18.29 -27.80
N LEU A 230 -0.45 19.41 -27.43
CA LEU A 230 0.11 20.27 -26.41
C LEU A 230 0.00 19.67 -25.01
N THR A 231 -0.99 18.81 -24.79
CA THR A 231 -1.20 18.26 -23.46
C THR A 231 -0.22 17.14 -23.14
N GLN A 232 0.48 16.62 -24.14
CA GLN A 232 1.52 15.63 -23.88
C GLN A 232 2.88 16.28 -23.77
N CYS A 233 3.06 17.44 -24.42
CA CYS A 233 4.33 18.13 -24.34
C CYS A 233 4.50 18.81 -22.98
N MET A 234 3.39 19.18 -22.34
CA MET A 234 3.46 19.85 -21.05
C MET A 234 3.46 18.87 -19.88
N SER A 235 2.96 17.65 -20.08
CA SER A 235 3.04 16.67 -19.02
C SER A 235 4.42 16.06 -18.94
N LEU A 236 5.11 15.97 -20.07
CA LEU A 236 6.45 15.39 -20.08
C LEU A 236 7.51 16.41 -19.66
N CYS A 237 7.22 17.70 -19.82
CA CYS A 237 8.22 18.70 -19.50
C CYS A 237 8.33 18.91 -17.99
N VAL A 238 7.29 18.56 -17.25
CA VAL A 238 7.37 18.64 -15.79
C VAL A 238 7.98 17.36 -15.23
N CYS A 239 7.80 16.24 -15.94
CA CYS A 239 8.45 15.00 -15.56
C CYS A 239 9.95 15.08 -15.74
N TYR A 240 10.41 15.66 -16.84
CA TYR A 240 11.82 15.65 -17.16
C TYR A 240 12.59 16.74 -16.43
N SER A 241 11.96 17.88 -16.18
CA SER A 241 12.66 18.96 -15.49
C SER A 241 12.83 18.67 -14.02
N ALA A 242 12.00 17.79 -13.46
CA ALA A 242 12.19 17.42 -12.06
C ALA A 242 13.36 16.47 -11.88
N SER A 243 13.75 15.73 -12.92
CA SER A 243 14.90 14.85 -12.84
C SER A 243 16.17 15.50 -13.34
N ILE A 244 16.08 16.35 -14.37
CA ILE A 244 17.25 17.04 -14.90
C ILE A 244 17.76 18.06 -13.89
N GLY A 245 16.84 18.82 -13.30
CA GLY A 245 17.23 19.88 -12.38
C GLY A 245 17.77 19.41 -11.06
N GLY A 246 17.57 18.15 -10.70
CA GLY A 246 18.05 17.67 -9.44
C GLY A 246 19.52 17.35 -9.35
N ILE A 247 20.26 17.45 -10.45
CA ILE A 247 21.66 17.06 -10.48
C ILE A 247 22.59 18.24 -10.29
N ALA A 248 22.07 19.45 -10.18
CA ALA A 248 22.91 20.63 -10.10
C ALA A 248 23.36 20.94 -8.68
N THR A 249 22.90 20.20 -7.68
CA THR A 249 23.34 20.40 -6.31
C THR A 249 23.70 19.05 -5.70
N LEU A 250 24.52 19.11 -4.66
CA LEU A 250 25.01 17.88 -4.04
C LEU A 250 23.90 17.20 -3.24
N THR A 251 23.07 17.97 -2.56
CA THR A 251 21.92 17.44 -1.84
C THR A 251 20.64 17.49 -2.66
N GLY A 252 20.75 17.53 -3.99
CA GLY A 252 19.56 17.62 -4.82
C GLY A 252 18.85 16.29 -4.96
N THR A 253 19.61 15.22 -5.17
CA THR A 253 19.05 13.88 -5.32
C THR A 253 19.85 12.92 -4.46
N ALA A 254 19.42 11.67 -4.46
CA ALA A 254 20.00 10.64 -3.61
C ALA A 254 21.32 10.03 -4.09
N PRO A 255 21.54 9.70 -5.38
CA PRO A 255 22.86 9.15 -5.74
C PRO A 255 23.98 10.17 -5.76
N ASN A 256 23.69 11.46 -5.63
CA ASN A 256 24.77 12.44 -5.54
C ASN A 256 25.48 12.37 -4.20
N LEU A 257 24.75 12.00 -3.14
CA LEU A 257 25.36 11.88 -1.82
C LEU A 257 26.09 10.56 -1.65
N VAL A 258 25.81 9.58 -2.51
CA VAL A 258 26.50 8.30 -2.43
C VAL A 258 27.93 8.44 -2.94
N LEU A 259 28.14 9.34 -3.91
CA LEU A 259 29.48 9.58 -4.43
C LEU A 259 30.37 10.25 -3.37
N GLN A 260 29.80 11.13 -2.56
CA GLN A 260 30.56 11.72 -1.47
C GLN A 260 30.82 10.71 -0.37
N GLY A 261 29.99 9.67 -0.29
CA GLY A 261 30.29 8.58 0.63
C GLY A 261 31.38 7.65 0.11
N GLN A 262 31.30 7.28 -1.17
CA GLN A 262 32.25 6.32 -1.71
C GLN A 262 33.61 6.95 -1.98
N ILE A 263 33.69 8.27 -2.09
CA ILE A 263 35.00 8.89 -2.23
C ILE A 263 35.70 8.96 -0.88
N ASN A 264 34.97 9.29 0.18
CA ASN A 264 35.57 9.37 1.50
C ASN A 264 35.82 8.00 2.11
N SER A 265 35.23 6.94 1.56
CA SER A 265 35.44 5.60 2.11
C SER A 265 36.49 4.81 1.35
N LEU A 266 36.55 4.97 0.03
CA LEU A 266 37.59 4.29 -0.73
C LEU A 266 38.94 4.97 -0.54
N PHE A 267 39.00 6.26 -0.80
CA PHE A 267 40.23 7.03 -0.70
C PHE A 267 40.12 7.97 0.49
N PRO A 268 40.64 7.61 1.67
CA PRO A 268 40.37 8.42 2.86
C PRO A 268 41.22 9.68 2.97
N GLN A 269 42.18 9.91 2.08
CA GLN A 269 43.02 11.10 2.13
C GLN A 269 42.80 12.02 0.94
N ASN A 270 41.57 12.11 0.44
CA ASN A 270 41.31 12.96 -0.71
C ASN A 270 41.34 14.44 -0.36
N GLY A 271 41.11 14.78 0.90
CA GLY A 271 41.12 16.18 1.29
C GLY A 271 39.85 16.92 0.92
N ASN A 272 38.72 16.22 0.90
CA ASN A 272 37.38 16.74 0.60
C ASN A 272 37.35 17.41 -0.78
N VAL A 273 37.58 16.58 -1.81
CA VAL A 273 37.64 17.09 -3.17
C VAL A 273 36.26 17.17 -3.80
N VAL A 274 35.27 16.49 -3.26
CA VAL A 274 33.89 16.59 -3.72
C VAL A 274 33.09 17.18 -2.57
N ASN A 275 32.84 18.48 -2.62
CA ASN A 275 32.05 19.20 -1.64
C ASN A 275 30.94 19.96 -2.37
N PHE A 276 30.26 20.84 -1.65
CA PHE A 276 29.15 21.57 -2.25
C PHE A 276 29.63 22.63 -3.23
N ALA A 277 30.81 23.20 -2.99
CA ALA A 277 31.24 24.33 -3.79
C ALA A 277 31.87 23.88 -5.11
N SER A 278 32.34 22.63 -5.18
CA SER A 278 33.00 22.18 -6.39
C SER A 278 32.09 21.29 -7.22
N TRP A 279 31.11 20.64 -6.59
CA TRP A 279 30.10 19.93 -7.35
C TRP A 279 29.19 20.90 -8.08
N PHE A 280 28.88 22.04 -7.44
CA PHE A 280 28.01 23.02 -8.08
C PHE A 280 28.69 23.69 -9.25
N SER A 281 30.00 23.88 -9.18
CA SER A 281 30.70 24.50 -10.29
C SER A 281 30.82 23.58 -11.49
N PHE A 282 30.67 22.27 -11.28
CA PHE A 282 30.79 21.31 -12.37
C PHE A 282 29.44 20.89 -12.93
N ALA A 283 28.43 20.76 -12.08
CA ALA A 283 27.17 20.15 -12.49
C ALA A 283 26.06 21.16 -12.74
N PHE A 284 26.26 22.43 -12.42
CA PHE A 284 25.26 23.43 -12.78
C PHE A 284 25.32 23.86 -14.24
N PRO A 285 26.48 24.07 -14.88
CA PRO A 285 26.44 24.29 -16.33
C PRO A 285 26.02 23.07 -17.13
N THR A 286 26.14 21.87 -16.57
CA THR A 286 25.61 20.69 -17.25
C THR A 286 24.08 20.67 -17.20
N MET A 287 23.51 21.16 -16.11
CA MET A 287 22.05 21.15 -15.96
C MET A 287 21.39 22.13 -16.91
N VAL A 288 22.02 23.28 -17.16
CA VAL A 288 21.40 24.30 -17.99
C VAL A 288 21.47 23.92 -19.46
N ILE A 289 22.59 23.33 -19.88
CA ILE A 289 22.73 22.87 -21.27
C ILE A 289 21.80 21.71 -21.54
N LEU A 290 21.64 20.80 -20.56
CA LEU A 290 20.74 19.68 -20.75
C LEU A 290 19.28 20.11 -20.68
N LEU A 291 18.99 21.21 -20.00
CA LEU A 291 17.61 21.68 -19.93
C LEU A 291 17.17 22.32 -21.23
N LEU A 292 18.01 23.18 -21.82
CA LEU A 292 17.62 23.85 -23.05
C LEU A 292 17.68 22.91 -24.24
N LEU A 293 18.49 21.86 -24.17
CA LEU A 293 18.45 20.85 -25.21
C LEU A 293 17.25 19.92 -25.05
N ALA A 294 16.69 19.84 -23.85
CA ALA A 294 15.49 19.05 -23.66
C ALA A 294 14.24 19.82 -24.04
N TRP A 295 14.29 21.16 -23.91
CA TRP A 295 13.18 21.98 -24.33
C TRP A 295 13.07 22.03 -25.85
N LEU A 296 14.21 22.01 -26.54
CA LEU A 296 14.18 22.03 -28.00
C LEU A 296 13.74 20.69 -28.56
N TRP A 297 14.08 19.60 -27.88
CA TRP A 297 13.72 18.29 -28.40
C TRP A 297 12.25 17.98 -28.13
N LEU A 298 11.73 18.41 -26.98
CA LEU A 298 10.32 18.17 -26.69
C LEU A 298 9.42 19.02 -27.56
N GLN A 299 9.89 20.19 -27.98
CA GLN A 299 9.08 21.05 -28.82
C GLN A 299 9.07 20.57 -30.26
N ILE A 300 10.22 20.11 -30.77
CA ILE A 300 10.30 19.60 -32.14
C ILE A 300 9.50 18.30 -32.29
N LEU A 301 9.48 17.47 -31.26
CA LEU A 301 8.85 16.17 -31.38
C LEU A 301 7.33 16.26 -31.35
N PHE A 302 6.78 16.90 -30.31
CA PHE A 302 5.34 16.89 -30.12
C PHE A 302 4.65 18.05 -30.83
N LEU A 303 5.13 19.27 -30.63
CA LEU A 303 4.70 20.36 -31.47
C LEU A 303 5.45 20.29 -32.80
N GLY A 304 5.08 21.16 -33.72
CA GLY A 304 5.75 21.15 -35.00
C GLY A 304 7.14 21.76 -34.94
N PHE A 305 7.89 21.57 -36.03
CA PHE A 305 9.16 22.26 -36.19
C PHE A 305 9.03 23.54 -37.02
N ASN A 306 7.86 24.19 -36.95
CA ASN A 306 7.66 25.42 -37.70
C ASN A 306 8.43 26.58 -37.10
N PHE A 307 8.52 26.62 -35.77
CA PHE A 307 9.26 27.61 -34.97
C PHE A 307 8.77 29.04 -35.15
N ARG A 308 7.60 29.22 -35.73
CA ARG A 308 6.89 30.47 -35.72
C ARG A 308 5.44 30.32 -35.30
N LYS A 309 4.86 29.15 -35.54
CA LYS A 309 3.58 28.81 -34.95
C LYS A 309 3.72 28.56 -33.46
N ASN A 310 4.90 28.11 -33.02
CA ASN A 310 5.12 27.81 -31.61
C ASN A 310 5.22 29.08 -30.78
N PHE A 311 6.07 30.00 -31.20
CA PHE A 311 6.18 31.26 -30.48
C PHE A 311 5.07 32.23 -30.83
N GLY A 312 4.32 31.97 -31.90
CA GLY A 312 3.20 32.81 -32.28
C GLY A 312 3.64 34.17 -32.79
N ILE A 313 4.36 34.19 -33.90
CA ILE A 313 4.82 35.41 -34.52
C ILE A 313 4.16 35.54 -35.89
N GLY A 314 3.81 36.76 -36.27
CA GLY A 314 3.16 37.01 -37.53
C GLY A 314 1.66 37.17 -37.37
N GLU A 315 1.01 37.48 -38.48
CA GLU A 315 -0.44 37.61 -38.45
C GLU A 315 -1.10 36.25 -38.55
N LYS A 316 -2.41 36.23 -38.23
CA LYS A 316 -3.34 35.10 -38.09
C LYS A 316 -3.04 34.30 -36.81
N MET A 317 -1.93 34.61 -36.14
CA MET A 317 -1.68 34.12 -34.80
C MET A 317 -1.77 35.24 -33.77
N GLN A 318 -1.70 36.49 -34.19
CA GLN A 318 -1.99 37.60 -33.30
C GLN A 318 -3.47 37.93 -33.27
N GLU A 319 -4.24 37.44 -34.24
CA GLU A 319 -5.68 37.62 -34.18
C GLU A 319 -6.31 36.67 -33.17
N GLN A 320 -5.80 35.45 -33.07
CA GLN A 320 -6.38 34.50 -32.13
C GLN A 320 -5.89 34.74 -30.72
N GLN A 321 -4.62 35.11 -30.55
CA GLN A 321 -4.07 35.25 -29.21
C GLN A 321 -4.50 36.55 -28.54
N GLN A 322 -4.97 37.53 -29.30
CA GLN A 322 -5.65 38.66 -28.67
C GLN A 322 -7.08 38.27 -28.30
N ALA A 323 -7.70 37.39 -29.08
CA ALA A 323 -9.05 36.94 -28.76
C ALA A 323 -9.04 35.83 -27.73
N ALA A 324 -7.86 35.26 -27.45
CA ALA A 324 -7.77 34.27 -26.39
C ALA A 324 -7.35 34.91 -25.07
N TYR A 325 -6.57 35.99 -25.15
CA TYR A 325 -6.18 36.69 -23.93
C TYR A 325 -7.32 37.53 -23.37
N CYS A 326 -8.23 37.98 -24.23
CA CYS A 326 -9.31 38.84 -23.74
C CYS A 326 -10.39 38.00 -23.05
N VAL A 327 -10.41 36.70 -23.31
CA VAL A 327 -11.30 35.81 -22.57
C VAL A 327 -10.75 35.56 -21.17
N ILE A 328 -9.42 35.45 -21.05
CA ILE A 328 -8.79 35.17 -19.76
C ILE A 328 -8.93 36.37 -18.83
N GLN A 329 -8.79 37.58 -19.36
CA GLN A 329 -8.97 38.79 -18.55
C GLN A 329 -10.41 38.94 -18.08
N THR A 330 -11.38 38.47 -18.87
CA THR A 330 -12.77 38.53 -18.45
C THR A 330 -13.08 37.45 -17.43
N GLU A 331 -12.57 36.24 -17.65
CA GLU A 331 -12.80 35.13 -16.73
C GLU A 331 -12.15 35.36 -15.38
N HIS A 332 -11.06 36.13 -15.35
CA HIS A 332 -10.40 36.45 -14.09
C HIS A 332 -11.09 37.59 -13.34
N ARG A 333 -11.81 38.46 -14.06
CA ARG A 333 -12.47 39.57 -13.38
C ARG A 333 -13.73 39.14 -12.65
N LEU A 334 -14.29 37.98 -12.98
CA LEU A 334 -15.29 37.33 -12.14
C LEU A 334 -14.55 36.56 -11.05
N LEU A 335 -15.28 35.72 -10.30
CA LEU A 335 -14.77 34.95 -9.16
C LEU A 335 -14.02 35.85 -8.18
N GLY A 336 -14.81 36.64 -7.46
CA GLY A 336 -14.33 37.83 -6.79
C GLY A 336 -13.62 37.52 -5.48
N PRO A 337 -14.17 37.97 -4.36
CA PRO A 337 -13.49 37.79 -3.08
C PRO A 337 -13.36 36.31 -2.72
N MET A 338 -12.23 35.97 -2.11
CA MET A 338 -11.94 34.58 -1.79
C MET A 338 -12.80 34.11 -0.62
N THR A 339 -13.15 32.83 -0.64
CA THR A 339 -13.97 32.25 0.40
C THR A 339 -13.10 31.90 1.60
N PHE A 340 -13.69 31.30 2.63
CA PHE A 340 -12.89 30.86 3.76
C PHE A 340 -12.07 29.63 3.41
N ALA A 341 -12.57 28.81 2.49
CA ALA A 341 -11.86 27.59 2.15
C ALA A 341 -10.63 27.87 1.29
N GLU A 342 -10.64 28.98 0.54
CA GLU A 342 -9.47 29.32 -0.24
C GLU A 342 -8.40 29.99 0.60
N LYS A 343 -8.81 30.65 1.70
CA LYS A 343 -7.84 31.33 2.54
C LYS A 343 -7.11 30.34 3.44
N ALA A 344 -7.75 29.23 3.76
CA ALA A 344 -7.12 28.27 4.66
C ALA A 344 -6.26 27.28 3.91
N ILE A 345 -6.55 27.06 2.62
CA ILE A 345 -5.78 26.09 1.86
C ILE A 345 -4.51 26.75 1.31
N SER A 346 -4.60 28.03 0.93
CA SER A 346 -3.44 28.72 0.39
C SER A 346 -2.41 28.99 1.48
N ILE A 347 -2.84 29.16 2.72
CA ILE A 347 -1.89 29.30 3.82
C ILE A 347 -1.23 27.96 4.13
N LEU A 348 -2.01 26.87 4.09
CA LEU A 348 -1.44 25.54 4.29
C LEU A 348 -0.56 25.10 3.13
N PHE A 349 -0.65 25.78 1.99
CA PHE A 349 0.21 25.43 0.86
C PHE A 349 1.58 26.09 0.98
N VAL A 350 1.64 27.29 1.54
CA VAL A 350 2.93 27.95 1.75
C VAL A 350 3.69 27.28 2.89
N ILE A 351 2.98 26.87 3.94
CA ILE A 351 3.60 26.22 5.08
C ILE A 351 4.15 24.85 4.68
N LEU A 352 3.51 24.18 3.73
CA LEU A 352 4.00 22.89 3.26
C LEU A 352 5.31 23.02 2.52
N VAL A 353 5.47 24.06 1.70
CA VAL A 353 6.72 24.22 0.95
C VAL A 353 7.82 24.79 1.84
N LEU A 354 7.45 25.64 2.80
CA LEU A 354 8.45 26.19 3.72
C LEU A 354 8.98 25.13 4.67
N LEU A 355 8.21 24.08 4.95
CA LEU A 355 8.72 22.99 5.76
C LEU A 355 9.48 21.97 4.93
N TRP A 356 9.41 22.06 3.60
CA TRP A 356 10.19 21.17 2.77
C TRP A 356 11.57 21.74 2.47
N PHE A 357 11.66 23.07 2.34
CA PHE A 357 12.93 23.72 2.06
C PHE A 357 13.91 23.55 3.22
N THR A 358 13.41 23.68 4.45
CA THR A 358 14.26 23.81 5.63
C THR A 358 14.26 22.58 6.51
N ARG A 359 13.86 21.42 5.99
CA ARG A 359 13.83 20.22 6.83
C ARG A 359 15.22 19.64 7.01
N GLU A 360 15.92 19.39 5.91
CA GLU A 360 17.29 18.87 5.95
C GLU A 360 18.01 19.36 4.71
N PRO A 361 18.51 20.58 4.73
CA PRO A 361 19.06 21.18 3.51
C PRO A 361 20.44 20.67 3.17
N GLY A 362 21.23 20.36 4.20
CA GLY A 362 22.57 19.83 3.98
C GLY A 362 23.65 20.87 4.11
N PHE A 363 23.42 22.07 3.59
CA PHE A 363 24.43 23.12 3.69
C PHE A 363 24.24 24.01 4.91
N PHE A 364 23.11 23.87 5.62
CA PHE A 364 23.01 24.33 6.99
C PHE A 364 22.18 23.31 7.74
N LEU A 365 21.83 23.62 8.99
CA LEU A 365 21.20 22.66 9.88
C LEU A 365 19.71 22.98 9.99
N GLY A 366 18.86 22.10 9.45
CA GLY A 366 17.43 22.35 9.44
C GLY A 366 16.77 21.98 10.75
N TRP A 367 15.44 22.06 10.75
CA TRP A 367 14.69 21.65 11.94
C TRP A 367 14.60 20.14 12.07
N GLY A 368 14.89 19.39 11.00
CA GLY A 368 14.89 17.95 11.11
C GLY A 368 16.10 17.38 11.83
N ASN A 369 17.17 18.16 11.95
CA ASN A 369 18.35 17.75 12.69
C ASN A 369 18.41 18.31 14.09
N LEU A 370 17.82 19.49 14.32
CA LEU A 370 17.76 20.03 15.67
C LEU A 370 16.75 19.26 16.50
N ALA A 371 15.49 19.30 16.10
CA ALA A 371 14.48 18.41 16.67
C ALA A 371 14.46 17.12 15.88
N PHE A 372 14.00 16.06 16.53
CA PHE A 372 13.94 14.68 16.05
C PHE A 372 15.23 14.15 15.41
N PRO A 373 16.37 14.05 16.12
CA PRO A 373 17.52 13.39 15.51
C PRO A 373 17.61 11.90 15.86
N ASN A 374 18.28 11.12 15.03
CA ASN A 374 18.58 9.74 15.36
C ASN A 374 19.97 9.68 16.00
N ALA A 375 20.52 8.47 16.12
CA ALA A 375 21.81 8.31 16.78
C ALA A 375 22.95 8.88 15.93
N LYS A 376 22.86 8.73 14.61
CA LYS A 376 23.91 9.25 13.74
C LYS A 376 23.87 10.78 13.67
N GLY A 377 22.68 11.36 13.73
CA GLY A 377 22.51 12.79 13.63
C GLY A 377 21.57 13.24 12.54
N GLU A 378 21.05 12.32 11.73
CA GLU A 378 20.15 12.65 10.65
C GLU A 378 18.72 12.78 11.19
N SER A 379 17.76 12.94 10.29
CA SER A 379 16.38 13.18 10.69
C SER A 379 15.59 11.89 10.68
N MET A 380 14.75 11.71 11.70
CA MET A 380 13.77 10.64 11.69
C MET A 380 12.49 11.04 10.98
N VAL A 381 12.37 12.29 10.57
CA VAL A 381 11.17 12.81 9.91
C VAL A 381 11.54 13.15 8.48
N SER A 382 10.87 12.52 7.52
CA SER A 382 11.16 12.70 6.11
C SER A 382 10.15 13.63 5.48
N ASP A 383 10.23 13.75 4.15
CA ASP A 383 9.31 14.62 3.42
C ASP A 383 7.91 14.03 3.36
N GLY A 384 7.79 12.72 3.49
CA GLY A 384 6.47 12.11 3.49
C GLY A 384 5.71 12.38 4.77
N THR A 385 6.42 12.54 5.89
CA THR A 385 5.76 12.80 7.16
C THR A 385 5.19 14.21 7.21
N VAL A 386 5.81 15.15 6.49
CA VAL A 386 5.28 16.51 6.46
C VAL A 386 4.05 16.58 5.57
N ALA A 387 3.99 15.73 4.53
CA ALA A 387 2.85 15.77 3.63
C ALA A 387 1.64 15.09 4.24
N ILE A 388 1.84 14.01 5.00
CA ILE A 388 0.74 13.34 5.67
C ILE A 388 0.20 14.21 6.81
N PHE A 389 1.10 14.91 7.51
CA PHE A 389 0.67 15.73 8.64
C PHE A 389 -0.17 16.93 8.19
N ILE A 390 0.10 17.46 7.00
CA ILE A 390 -0.72 18.55 6.50
C ILE A 390 -2.05 18.03 5.98
N GLY A 391 -2.03 16.87 5.32
CA GLY A 391 -3.25 16.29 4.79
C GLY A 391 -4.20 15.78 5.86
N ILE A 392 -3.67 15.47 7.04
CA ILE A 392 -4.53 15.11 8.16
C ILE A 392 -5.22 16.33 8.72
N ILE A 393 -4.52 17.47 8.74
CA ILE A 393 -5.05 18.72 9.27
C ILE A 393 -6.24 19.22 8.45
N MET A 394 -6.23 18.94 7.14
CA MET A 394 -7.34 19.33 6.27
C MET A 394 -8.62 18.55 6.55
N PHE A 395 -8.55 17.44 7.28
CA PHE A 395 -9.75 16.76 7.73
C PHE A 395 -10.33 17.37 9.00
N ILE A 396 -9.63 18.32 9.62
CA ILE A 396 -10.00 18.86 10.91
C ILE A 396 -10.58 20.25 10.79
N ILE A 397 -10.04 21.08 9.91
CA ILE A 397 -10.45 22.49 9.85
C ILE A 397 -11.81 22.58 9.18
N PRO A 398 -12.76 23.33 9.73
CA PRO A 398 -14.05 23.50 9.07
C PRO A 398 -13.92 24.37 7.84
N SER A 399 -14.82 24.17 6.89
CA SER A 399 -14.74 24.86 5.62
C SER A 399 -15.46 26.21 5.62
N LYS A 400 -16.51 26.35 6.42
CA LYS A 400 -17.32 27.55 6.46
C LYS A 400 -17.62 27.89 7.93
N PHE A 401 -16.56 28.03 8.74
CA PHE A 401 -16.46 27.86 10.20
C PHE A 401 -17.68 28.24 11.07
N PRO A 402 -18.40 29.39 10.89
CA PRO A 402 -19.68 29.57 11.59
C PRO A 402 -20.87 29.06 10.78
N GLY A 403 -20.76 27.84 10.24
CA GLY A 403 -21.75 27.32 9.32
C GLY A 403 -22.79 26.42 9.95
N LEU A 404 -23.60 26.97 10.85
CA LEU A 404 -24.64 26.20 11.51
C LEU A 404 -25.83 26.11 10.58
N THR A 405 -25.86 25.05 9.77
CA THR A 405 -26.95 24.80 8.84
C THR A 405 -28.05 24.01 9.54
N GLN A 406 -29.00 23.50 8.77
CA GLN A 406 -30.11 22.73 9.29
C GLN A 406 -30.13 21.34 8.68
N ASP A 407 -30.53 20.36 9.47
CA ASP A 407 -30.64 18.99 9.00
C ASP A 407 -32.08 18.70 8.62
N PRO A 408 -32.34 17.96 7.52
CA PRO A 408 -33.73 17.68 7.14
C PRO A 408 -34.45 16.76 8.12
N GLU A 409 -33.86 15.60 8.44
CA GLU A 409 -34.35 14.78 9.53
C GLU A 409 -34.05 15.47 10.85
N ASN A 410 -34.92 15.25 11.86
CA ASN A 410 -34.95 15.85 13.20
C ASN A 410 -34.61 17.33 13.17
N PRO A 411 -35.57 18.19 12.76
CA PRO A 411 -35.27 19.60 12.43
C PRO A 411 -34.63 20.39 13.56
N GLY A 412 -35.25 20.40 14.75
CA GLY A 412 -34.57 20.05 15.99
C GLY A 412 -33.11 20.43 16.10
N LYS A 413 -32.25 19.43 16.16
CA LYS A 413 -30.80 19.62 16.26
C LYS A 413 -30.24 20.19 14.97
N LEU A 414 -29.04 20.76 15.06
CA LEU A 414 -28.41 21.44 13.95
C LEU A 414 -27.35 20.54 13.31
N LYS A 415 -26.70 21.05 12.27
CA LYS A 415 -25.67 20.30 11.57
C LYS A 415 -24.37 21.10 11.53
N ALA A 416 -23.28 20.39 11.42
CA ALA A 416 -21.91 20.88 11.41
C ALA A 416 -21.41 21.03 9.97
N PRO A 417 -20.52 21.98 9.71
CA PRO A 417 -19.95 22.09 8.36
C PRO A 417 -18.93 21.00 8.13
N LEU A 418 -18.81 20.59 6.88
CA LEU A 418 -17.82 19.59 6.52
C LEU A 418 -16.43 20.21 6.54
N GLY A 419 -15.43 19.34 6.65
CA GLY A 419 -14.05 19.77 6.65
C GLY A 419 -13.58 20.17 5.27
N LEU A 420 -12.30 20.55 5.20
CA LEU A 420 -11.71 20.87 3.91
C LEU A 420 -11.52 19.63 3.05
N LEU A 421 -11.55 18.45 3.65
CA LEU A 421 -11.54 17.18 2.93
C LEU A 421 -12.46 16.21 3.65
N ASP A 422 -13.33 15.57 2.90
CA ASP A 422 -14.09 14.43 3.41
C ASP A 422 -13.72 13.19 2.60
N TRP A 423 -14.00 12.02 3.17
CA TRP A 423 -13.52 10.78 2.53
C TRP A 423 -14.29 10.46 1.26
N LYS A 424 -15.50 11.00 1.09
CA LYS A 424 -16.27 10.73 -0.12
C LYS A 424 -15.60 11.34 -1.35
N THR A 425 -15.02 12.53 -1.20
CA THR A 425 -14.36 13.16 -2.34
C THR A 425 -12.90 12.73 -2.48
N VAL A 426 -12.31 12.18 -1.42
CA VAL A 426 -10.96 11.63 -1.56
C VAL A 426 -11.00 10.28 -2.26
N ASN A 427 -12.07 9.51 -2.02
CA ASN A 427 -12.19 8.20 -2.64
C ASN A 427 -12.42 8.28 -4.14
N GLN A 428 -12.96 9.40 -4.62
CA GLN A 428 -13.19 9.54 -6.06
C GLN A 428 -11.95 10.07 -6.77
N LYS A 429 -11.40 11.17 -6.29
CA LYS A 429 -10.38 11.92 -7.01
C LYS A 429 -8.97 11.44 -6.74
N MET A 430 -8.79 10.32 -6.11
CA MET A 430 -7.43 9.89 -5.85
C MET A 430 -6.96 8.94 -6.95
N PRO A 431 -5.78 9.15 -7.51
CA PRO A 431 -5.23 8.18 -8.47
C PRO A 431 -4.69 6.95 -7.77
N TRP A 432 -5.56 5.99 -7.47
CA TRP A 432 -5.13 4.82 -6.73
C TRP A 432 -4.28 3.87 -7.57
N ASN A 433 -4.31 4.00 -8.90
CA ASN A 433 -3.49 3.12 -9.72
C ASN A 433 -2.02 3.53 -9.71
N ILE A 434 -1.74 4.80 -9.43
CA ILE A 434 -0.35 5.26 -9.42
C ILE A 434 0.35 4.80 -8.16
N VAL A 435 -0.39 4.63 -7.07
CA VAL A 435 0.19 4.09 -5.83
C VAL A 435 0.64 2.65 -6.04
N LEU A 436 -0.12 1.89 -6.82
CA LEU A 436 0.30 0.54 -7.17
C LEU A 436 1.38 0.54 -8.24
N LEU A 437 1.33 1.50 -9.17
CA LEU A 437 2.34 1.55 -10.24
C LEU A 437 3.70 1.95 -9.68
N LEU A 438 3.72 2.84 -8.70
CA LEU A 438 4.97 3.21 -8.06
C LEU A 438 5.50 2.07 -7.21
N GLY A 439 4.61 1.30 -6.60
CA GLY A 439 5.05 0.19 -5.78
C GLY A 439 5.58 -0.97 -6.59
N GLY A 440 5.12 -1.10 -7.83
CA GLY A 440 5.63 -2.15 -8.69
C GLY A 440 7.02 -1.86 -9.22
N GLY A 441 7.46 -0.60 -9.11
CA GLY A 441 8.80 -0.27 -9.52
C GLY A 441 9.84 -0.59 -8.47
N TYR A 442 9.45 -0.53 -7.19
CA TYR A 442 10.39 -0.89 -6.14
C TYR A 442 10.58 -2.39 -6.05
N ALA A 443 9.49 -3.15 -6.24
CA ALA A 443 9.58 -4.60 -6.17
C ALA A 443 10.32 -5.16 -7.37
N LEU A 444 10.27 -4.46 -8.51
CA LEU A 444 11.04 -4.88 -9.67
C LEU A 444 12.52 -4.59 -9.47
N ALA A 445 12.84 -3.55 -8.68
CA ALA A 445 14.25 -3.22 -8.45
C ALA A 445 14.82 -4.03 -7.30
N LYS A 446 13.99 -4.39 -6.32
CA LYS A 446 14.46 -5.19 -5.20
C LYS A 446 14.76 -6.62 -5.64
N GLY A 447 13.95 -7.17 -6.54
CA GLY A 447 14.22 -8.48 -7.06
C GLY A 447 15.42 -8.53 -7.99
N SER A 448 15.85 -7.38 -8.48
CA SER A 448 17.06 -7.33 -9.28
C SER A 448 18.31 -7.42 -8.42
N GLU A 449 18.21 -7.04 -7.14
CA GLU A 449 19.35 -7.17 -6.25
C GLU A 449 19.41 -8.54 -5.60
N ARG A 450 18.25 -9.10 -5.27
CA ARG A 450 18.20 -10.41 -4.61
C ARG A 450 18.56 -11.55 -5.54
N SER A 451 18.45 -11.35 -6.86
CA SER A 451 18.86 -12.39 -7.79
C SER A 451 20.35 -12.30 -8.10
N GLY A 452 20.88 -11.09 -8.18
CA GLY A 452 22.25 -10.89 -8.58
C GLY A 452 22.43 -10.33 -9.97
N LEU A 453 21.40 -9.68 -10.52
CA LEU A 453 21.51 -9.13 -11.86
C LEU A 453 22.36 -7.87 -11.89
N SER A 454 22.29 -7.07 -10.83
CA SER A 454 23.14 -5.88 -10.76
C SER A 454 24.59 -6.25 -10.55
N GLU A 455 24.85 -7.33 -9.80
CA GLU A 455 26.22 -7.76 -9.57
C GLU A 455 26.80 -8.41 -10.82
N TRP A 456 25.97 -9.10 -11.60
CA TRP A 456 26.44 -9.74 -12.81
C TRP A 456 26.82 -8.73 -13.87
N LEU A 457 26.01 -7.68 -14.02
CA LEU A 457 26.32 -6.65 -15.01
C LEU A 457 27.49 -5.80 -14.56
N GLY A 458 27.67 -5.64 -13.24
CA GLY A 458 28.81 -4.88 -12.74
C GLY A 458 30.13 -5.55 -13.00
N ASN A 459 30.17 -6.89 -12.96
CA ASN A 459 31.39 -7.62 -13.24
C ASN A 459 31.67 -7.79 -14.72
N LYS A 460 30.86 -7.19 -15.59
CA LYS A 460 31.13 -7.14 -17.01
C LYS A 460 31.75 -5.81 -17.44
N LEU A 461 31.79 -4.82 -16.55
CA LEU A 461 32.43 -3.55 -16.86
C LEU A 461 33.94 -3.61 -16.74
N THR A 462 34.47 -4.62 -16.03
CA THR A 462 35.89 -4.80 -15.78
C THR A 462 36.76 -4.99 -17.05
N PRO A 463 36.39 -5.82 -18.07
CA PRO A 463 37.32 -5.96 -19.21
C PRO A 463 37.31 -4.80 -20.20
N LEU A 464 36.73 -3.66 -19.83
CA LEU A 464 36.74 -2.47 -20.68
C LEU A 464 38.01 -1.64 -20.53
N GLN A 465 39.11 -2.22 -20.02
CA GLN A 465 40.33 -1.45 -19.83
C GLN A 465 41.04 -1.16 -21.15
N SER A 466 40.89 -2.03 -22.14
CA SER A 466 41.64 -1.86 -23.39
C SER A 466 40.86 -1.05 -24.41
N VAL A 467 40.35 0.10 -23.97
CA VAL A 467 39.70 1.10 -24.81
C VAL A 467 40.43 2.40 -24.46
N PRO A 468 40.65 3.32 -25.40
CA PRO A 468 41.22 4.63 -25.02
C PRO A 468 40.32 5.39 -24.07
N ALA A 469 40.95 6.08 -23.12
CA ALA A 469 40.33 6.66 -21.94
C ALA A 469 39.20 7.67 -22.15
N PRO A 470 39.17 8.51 -23.21
CA PRO A 470 37.94 9.27 -23.46
C PRO A 470 36.75 8.43 -23.90
N ALA A 471 36.96 7.22 -24.39
CA ALA A 471 35.85 6.38 -24.82
C ALA A 471 35.38 5.41 -23.75
N ILE A 472 36.05 5.37 -22.60
CA ILE A 472 35.52 4.58 -21.48
C ILE A 472 34.44 5.36 -20.76
N ALA A 473 34.48 6.68 -20.84
CA ALA A 473 33.47 7.48 -20.16
C ALA A 473 32.16 7.52 -20.93
N ILE A 474 32.21 7.23 -22.24
CA ILE A 474 31.00 7.28 -23.05
C ILE A 474 30.29 5.94 -23.03
N ILE A 475 31.04 4.84 -23.16
CA ILE A 475 30.46 3.50 -23.15
C ILE A 475 29.86 3.18 -21.78
N LEU A 476 30.51 3.62 -20.71
CA LEU A 476 30.01 3.40 -19.36
C LEU A 476 28.76 4.22 -19.09
N SER A 477 28.66 5.40 -19.70
CA SER A 477 27.48 6.23 -19.49
C SER A 477 26.27 5.65 -20.19
N LEU A 478 26.47 5.02 -21.34
CA LEU A 478 25.36 4.40 -22.05
C LEU A 478 24.85 3.17 -21.33
N LEU A 479 25.76 2.41 -20.71
CA LEU A 479 25.37 1.16 -20.08
C LEU A 479 24.67 1.42 -18.74
N VAL A 480 25.02 2.52 -18.07
CA VAL A 480 24.37 2.83 -16.81
C VAL A 480 23.00 3.45 -17.06
N ALA A 481 22.92 4.39 -18.02
CA ALA A 481 21.66 5.06 -18.32
C ALA A 481 20.63 4.14 -18.94
N THR A 482 21.06 3.04 -19.57
CA THR A 482 20.12 2.04 -20.04
C THR A 482 19.65 1.15 -18.89
N PHE A 483 20.59 0.68 -18.07
CA PHE A 483 20.26 -0.24 -16.99
C PHE A 483 19.51 0.43 -15.85
N THR A 484 19.64 1.74 -15.67
CA THR A 484 18.93 2.39 -14.58
C THR A 484 17.45 2.58 -14.88
N GLU A 485 17.00 2.33 -16.11
CA GLU A 485 15.58 2.39 -16.41
C GLU A 485 14.80 1.27 -15.75
N CYS A 486 15.46 0.18 -15.37
CA CYS A 486 14.83 -0.94 -14.71
C CYS A 486 14.96 -0.89 -13.19
N THR A 487 16.14 -0.57 -12.68
CA THR A 487 16.42 -0.65 -11.25
C THR A 487 16.48 0.75 -10.64
N SER A 488 16.84 0.79 -9.36
CA SER A 488 16.88 2.04 -8.62
C SER A 488 18.21 2.74 -8.82
N ASN A 489 18.21 4.04 -8.54
CA ASN A 489 19.43 4.84 -8.70
C ASN A 489 20.39 4.63 -7.55
N VAL A 490 19.87 4.43 -6.34
CA VAL A 490 20.73 4.32 -5.17
C VAL A 490 21.44 2.97 -5.13
N ALA A 491 20.77 1.91 -5.57
CA ALA A 491 21.38 0.58 -5.47
C ALA A 491 22.31 0.31 -6.64
N THR A 492 22.08 0.95 -7.79
CA THR A 492 23.00 0.82 -8.91
C THR A 492 24.30 1.55 -8.62
N THR A 493 24.23 2.66 -7.90
CA THR A 493 25.41 3.49 -7.67
C THR A 493 26.33 2.86 -6.64
N THR A 494 25.78 2.31 -5.56
CA THR A 494 26.61 1.73 -4.52
C THR A 494 27.23 0.40 -4.91
N ILE A 495 26.77 -0.21 -6.00
CA ILE A 495 27.39 -1.44 -6.51
C ILE A 495 28.46 -1.13 -7.53
N PHE A 496 28.18 -0.20 -8.45
CA PHE A 496 29.08 0.06 -9.56
C PHE A 496 30.29 0.87 -9.15
N LEU A 497 30.17 1.76 -8.18
CA LEU A 497 31.25 2.68 -7.81
C LEU A 497 32.49 2.02 -7.17
N PRO A 498 32.39 0.95 -6.36
CA PRO A 498 33.64 0.27 -5.99
C PRO A 498 34.31 -0.46 -7.14
N ILE A 499 33.57 -0.86 -8.16
CA ILE A 499 34.18 -1.58 -9.27
C ILE A 499 34.96 -0.63 -10.16
N LEU A 500 34.45 0.59 -10.34
CA LEU A 500 35.10 1.52 -11.26
C LEU A 500 36.31 2.17 -10.62
N ALA A 501 36.39 2.20 -9.28
CA ALA A 501 37.59 2.70 -8.63
C ALA A 501 38.73 1.71 -8.79
N SER A 502 38.45 0.42 -8.68
CA SER A 502 39.49 -0.59 -8.82
C SER A 502 39.92 -0.74 -10.27
N MET A 503 39.04 -0.41 -11.20
CA MET A 503 39.43 -0.45 -12.61
C MET A 503 40.25 0.78 -12.99
N ALA A 504 40.03 1.90 -12.32
CA ALA A 504 40.77 3.11 -12.66
C ALA A 504 42.18 3.08 -12.09
N GLN A 505 42.39 2.34 -11.01
CA GLN A 505 43.73 2.26 -10.42
C GLN A 505 44.65 1.37 -11.23
N ALA A 506 44.10 0.54 -12.12
CA ALA A 506 44.93 -0.43 -12.83
C ALA A 506 45.45 0.09 -14.15
N ILE A 507 44.90 1.18 -14.68
CA ILE A 507 45.33 1.68 -15.98
C ILE A 507 45.87 3.11 -15.87
N CYS A 508 46.43 3.43 -14.70
CA CYS A 508 46.94 4.76 -14.29
C CYS A 508 46.02 5.91 -14.73
N LEU A 509 44.75 5.75 -14.41
CA LEU A 509 43.73 6.73 -14.69
C LEU A 509 43.26 7.35 -13.38
N HIS A 510 42.90 8.62 -13.44
CA HIS A 510 42.37 9.29 -12.27
C HIS A 510 40.96 8.78 -12.00
N PRO A 511 40.60 8.46 -10.77
CA PRO A 511 39.18 8.36 -10.41
C PRO A 511 38.49 9.71 -10.54
N LEU A 512 37.16 9.68 -10.36
CA LEU A 512 36.24 10.77 -10.70
C LEU A 512 36.29 11.14 -12.18
N TYR A 513 36.88 10.29 -13.02
CA TYR A 513 36.78 10.36 -14.46
C TYR A 513 35.89 9.27 -15.00
N VAL A 514 35.87 8.12 -14.32
CA VAL A 514 34.90 7.06 -14.58
C VAL A 514 33.87 6.98 -13.48
N MET A 515 34.02 7.75 -12.40
CA MET A 515 33.02 7.78 -11.35
C MET A 515 32.07 8.95 -11.45
N LEU A 516 32.52 10.07 -12.02
CA LEU A 516 31.64 11.22 -12.19
C LEU A 516 30.62 11.03 -13.30
N PRO A 517 30.93 10.45 -14.47
CA PRO A 517 29.83 10.08 -15.38
C PRO A 517 28.96 8.96 -14.86
N CYS A 518 29.47 8.10 -13.97
CA CYS A 518 28.62 7.05 -13.43
C CYS A 518 27.63 7.59 -12.42
N THR A 519 27.93 8.74 -11.80
CA THR A 519 26.99 9.31 -10.84
C THR A 519 25.93 10.12 -11.55
N LEU A 520 26.32 10.85 -12.59
CA LEU A 520 25.37 11.70 -13.31
C LEU A 520 24.46 10.91 -14.23
N ALA A 521 24.85 9.72 -14.67
CA ALA A 521 24.03 8.97 -15.61
C ALA A 521 22.96 8.13 -14.94
N THR A 522 22.96 8.00 -13.62
CA THR A 522 21.83 7.35 -12.96
C THR A 522 20.63 8.27 -12.82
N SER A 523 20.77 9.54 -13.15
CA SER A 523 19.66 10.47 -13.15
C SER A 523 19.10 10.71 -14.54
N LEU A 524 19.65 10.06 -15.55
CA LEU A 524 19.09 10.11 -16.90
C LEU A 524 18.18 8.91 -17.12
N ALA A 525 17.02 8.98 -16.48
CA ALA A 525 16.01 7.93 -16.55
C ALA A 525 14.77 8.52 -17.19
N PHE A 526 14.56 8.25 -18.48
CA PHE A 526 13.56 8.98 -19.25
C PHE A 526 12.57 8.11 -20.01
N MET A 527 12.61 6.79 -19.88
CA MET A 527 11.83 5.92 -20.75
C MET A 527 10.73 5.14 -20.03
N LEU A 528 11.04 4.47 -18.95
CA LEU A 528 10.05 3.60 -18.35
C LEU A 528 9.49 4.20 -17.08
N PRO A 529 8.22 3.90 -16.73
CA PRO A 529 7.59 4.50 -15.55
C PRO A 529 8.10 4.00 -14.21
N VAL A 530 9.06 3.09 -14.14
CA VAL A 530 9.52 2.59 -12.86
C VAL A 530 10.77 3.30 -12.35
N ALA A 531 11.57 3.88 -13.22
CA ALA A 531 12.74 4.62 -12.80
C ALA A 531 12.36 6.08 -12.65
N THR A 532 12.95 6.75 -11.63
CA THR A 532 12.68 8.13 -11.24
C THR A 532 11.19 8.35 -10.98
N PRO A 533 10.74 8.11 -9.75
CA PRO A 533 9.28 8.17 -9.38
C PRO A 533 8.51 9.40 -9.85
N PRO A 534 9.17 10.55 -10.20
CA PRO A 534 8.52 11.48 -11.13
C PRO A 534 7.94 10.90 -12.42
N ASN A 535 8.47 9.78 -12.94
CA ASN A 535 7.99 9.25 -14.20
C ASN A 535 6.62 8.62 -14.09
N ALA A 536 6.19 8.23 -12.90
CA ALA A 536 4.90 7.60 -12.76
C ALA A 536 3.81 8.56 -12.30
N ILE A 537 4.19 9.71 -11.76
CA ILE A 537 3.21 10.67 -11.27
C ILE A 537 2.50 11.37 -12.42
N VAL A 538 3.13 11.47 -13.59
CA VAL A 538 2.50 12.16 -14.72
C VAL A 538 1.39 11.36 -15.38
N PHE A 539 1.21 10.10 -15.00
CA PHE A 539 0.10 9.30 -15.49
C PHE A 539 -1.13 9.40 -14.59
N SER A 540 -1.20 10.41 -13.72
CA SER A 540 -2.30 10.50 -12.77
C SER A 540 -3.60 10.92 -13.41
N PHE A 541 -3.56 11.47 -14.62
CA PHE A 541 -4.76 11.98 -15.27
C PHE A 541 -5.08 11.27 -16.57
N GLY A 542 -4.23 10.37 -17.03
CA GLY A 542 -4.56 9.49 -18.14
C GLY A 542 -4.50 10.11 -19.51
N ASP A 543 -3.90 11.28 -19.65
CA ASP A 543 -3.79 11.93 -20.95
C ASP A 543 -2.52 11.54 -21.70
N LEU A 544 -1.75 10.58 -21.19
CA LEU A 544 -0.55 10.11 -21.83
C LEU A 544 -0.66 8.63 -22.17
N LYS A 545 0.25 8.18 -23.02
CA LYS A 545 0.54 6.77 -23.23
C LYS A 545 1.97 6.50 -22.80
N VAL A 546 2.25 5.26 -22.42
CA VAL A 546 3.61 4.91 -22.06
C VAL A 546 4.49 4.86 -23.31
N LEU A 547 3.89 4.67 -24.48
CA LEU A 547 4.64 4.77 -25.72
C LEU A 547 5.09 6.20 -25.99
N ASP A 548 4.28 7.19 -25.60
CA ASP A 548 4.65 8.58 -25.82
C ASP A 548 5.81 9.01 -24.94
N MET A 549 5.93 8.40 -23.75
CA MET A 549 7.08 8.67 -22.91
C MET A 549 8.33 8.00 -23.47
N ALA A 550 8.19 6.77 -23.97
CA ALA A 550 9.34 6.05 -24.51
C ALA A 550 9.76 6.60 -25.86
N ARG A 551 8.87 7.32 -26.53
CA ARG A 551 9.20 7.88 -27.84
C ARG A 551 10.00 9.16 -27.69
N ALA A 552 9.83 9.87 -26.57
CA ALA A 552 10.58 11.08 -26.31
C ALA A 552 11.80 10.84 -25.45
N GLY A 553 11.84 9.74 -24.72
CA GLY A 553 12.91 9.52 -23.77
C GLY A 553 14.08 8.73 -24.30
N PHE A 554 13.94 8.15 -25.50
CA PHE A 554 15.04 7.37 -26.04
C PHE A 554 16.15 8.25 -26.56
N LEU A 555 15.82 9.25 -27.38
CA LEU A 555 16.85 10.13 -27.89
C LEU A 555 17.34 11.11 -26.84
N LEU A 556 16.57 11.30 -25.77
CA LEU A 556 17.04 12.19 -24.70
C LEU A 556 18.09 11.52 -23.84
N ASN A 557 18.18 10.20 -23.87
CA ASN A 557 19.29 9.52 -23.21
C ASN A 557 20.59 9.72 -23.97
N ILE A 558 20.52 9.67 -25.30
CA ILE A 558 21.73 9.82 -26.11
C ILE A 558 22.16 11.28 -26.16
N ILE A 559 21.21 12.20 -26.01
CA ILE A 559 21.58 13.61 -25.88
C ILE A 559 22.24 13.86 -24.53
N GLY A 560 21.73 13.21 -23.48
CA GLY A 560 22.26 13.44 -22.15
C GLY A 560 23.63 12.82 -21.94
N VAL A 561 23.96 11.79 -22.72
CA VAL A 561 25.29 11.19 -22.63
C VAL A 561 26.31 12.09 -23.30
N LEU A 562 25.94 12.71 -24.42
CA LEU A 562 26.89 13.57 -25.13
C LEU A 562 27.07 14.91 -24.44
N VAL A 563 26.23 15.26 -23.47
CA VAL A 563 26.46 16.46 -22.69
C VAL A 563 27.38 16.16 -21.51
N ILE A 564 27.19 15.00 -20.88
CA ILE A 564 28.06 14.58 -19.77
C ILE A 564 29.48 14.33 -20.28
N ALA A 565 29.60 13.75 -21.48
CA ALA A 565 30.92 13.56 -22.07
C ALA A 565 31.55 14.85 -22.56
N LEU A 566 30.80 15.94 -22.63
CA LEU A 566 31.39 17.24 -22.90
C LEU A 566 31.87 17.91 -21.61
N ALA A 567 31.09 17.76 -20.54
CA ALA A 567 31.44 18.41 -19.28
C ALA A 567 32.58 17.71 -18.56
N ILE A 568 32.92 16.49 -18.95
CA ILE A 568 34.02 15.80 -18.30
C ILE A 568 35.32 15.97 -19.07
N ASN A 569 35.27 16.49 -20.30
CA ASN A 569 36.46 16.76 -21.08
C ASN A 569 36.69 18.24 -21.34
N SER A 570 35.82 19.10 -20.81
CA SER A 570 35.99 20.55 -20.90
C SER A 570 35.27 21.15 -19.71
N TRP A 571 35.95 22.06 -19.01
CA TRP A 571 35.60 22.63 -17.70
C TRP A 571 35.39 21.57 -16.62
N GLY A 572 35.82 20.35 -16.83
CA GLY A 572 35.79 19.33 -15.80
C GLY A 572 37.21 18.89 -15.52
N ILE A 573 38.08 19.18 -16.48
CA ILE A 573 39.50 18.89 -16.38
C ILE A 573 40.23 19.91 -15.49
N PRO A 574 40.07 21.24 -15.61
CA PRO A 574 40.87 22.11 -14.73
C PRO A 574 40.42 22.12 -13.28
N LEU A 575 39.13 22.08 -12.99
CA LEU A 575 38.69 22.23 -11.61
C LEU A 575 38.69 20.91 -10.83
N PHE A 576 39.23 19.85 -11.41
CA PHE A 576 39.48 18.62 -10.67
C PHE A 576 40.86 18.05 -10.89
N SER A 577 41.64 18.62 -11.81
CA SER A 577 42.95 18.12 -12.26
C SER A 577 42.87 16.65 -12.66
N LEU A 578 42.10 16.39 -13.71
CA LEU A 578 41.85 15.04 -14.19
C LEU A 578 42.97 14.48 -15.05
N HIS A 579 44.09 15.19 -15.19
CA HIS A 579 45.19 14.75 -16.03
C HIS A 579 46.46 14.46 -15.22
N SER A 580 46.32 13.97 -13.99
CA SER A 580 47.50 13.93 -13.14
C SER A 580 47.74 12.59 -12.45
N PHE A 581 46.67 11.83 -12.16
CA PHE A 581 46.68 10.66 -11.29
C PHE A 581 47.34 10.99 -9.95
N PRO A 582 46.64 11.66 -9.07
CA PRO A 582 47.25 12.30 -7.90
C PRO A 582 47.73 11.34 -6.82
N SER A 583 48.22 11.90 -5.72
CA SER A 583 48.91 11.12 -4.70
C SER A 583 47.98 10.52 -3.65
N TRP A 584 46.67 10.54 -3.85
CA TRP A 584 45.77 9.88 -2.92
C TRP A 584 45.10 8.65 -3.52
N ALA A 585 45.46 8.26 -4.74
CA ALA A 585 44.89 7.09 -5.39
C ALA A 585 45.91 5.98 -5.57
N GLN A 586 47.09 6.10 -4.97
CA GLN A 586 48.06 5.03 -5.03
C GLN A 586 47.63 3.87 -4.14
N SER A 587 48.27 2.73 -4.34
CA SER A 587 48.03 1.56 -3.51
C SER A 587 49.30 0.74 -3.46
N ASN A 588 49.19 -0.50 -2.99
CA ASN A 588 50.32 -1.40 -2.99
C ASN A 588 50.49 -2.15 -4.30
N THR A 589 49.51 -2.06 -5.20
CA THR A 589 49.51 -2.83 -6.44
C THR A 589 49.77 -2.01 -7.67
N THR A 590 49.78 -0.67 -7.58
CA THR A 590 49.81 0.15 -8.78
C THR A 590 51.22 0.27 -9.36
N ALA A 591 52.13 0.87 -8.59
CA ALA A 591 53.49 1.09 -9.06
C ALA A 591 54.44 1.19 -7.88
N MET B 14 -28.48 31.53 25.07
CA MET B 14 -28.71 30.76 26.28
C MET B 14 -28.88 29.28 25.96
N ALA B 15 -30.05 28.91 25.45
CA ALA B 15 -30.34 27.53 25.11
C ALA B 15 -29.81 27.14 23.73
N THR B 16 -29.40 28.12 22.91
CA THR B 16 -28.81 27.79 21.61
C THR B 16 -27.37 27.32 21.76
N CYS B 17 -26.75 27.58 22.91
CA CYS B 17 -25.38 27.12 23.13
C CYS B 17 -25.33 25.60 23.25
N TRP B 18 -26.31 25.01 23.93
CA TRP B 18 -26.34 23.55 24.01
C TRP B 18 -26.83 22.90 22.73
N GLN B 19 -27.35 23.68 21.78
CA GLN B 19 -27.67 23.12 20.47
C GLN B 19 -26.44 23.05 19.58
N ALA B 20 -25.65 24.13 19.55
CA ALA B 20 -24.54 24.22 18.62
C ALA B 20 -23.40 23.28 19.01
N LEU B 21 -23.12 23.16 20.31
CA LEU B 21 -22.01 22.32 20.75
C LEU B 21 -22.29 20.84 20.53
N TRP B 22 -23.54 20.44 20.45
CA TRP B 22 -23.81 19.06 20.10
C TRP B 22 -23.56 18.81 18.62
N ALA B 23 -23.75 19.83 17.79
CA ALA B 23 -23.44 19.69 16.37
C ALA B 23 -21.94 19.63 16.14
N TYR B 24 -21.15 20.34 16.95
CA TYR B 24 -19.70 20.35 16.83
C TYR B 24 -19.03 19.28 17.66
N ARG B 25 -19.71 18.16 17.89
CA ARG B 25 -19.17 17.14 18.79
C ARG B 25 -18.01 16.38 18.15
N SER B 26 -17.86 16.44 16.83
CA SER B 26 -16.77 15.73 16.20
C SER B 26 -15.53 16.60 16.08
N TYR B 27 -15.68 17.91 16.26
CA TYR B 27 -14.51 18.79 16.25
C TYR B 27 -14.00 19.05 17.65
N LEU B 28 -14.85 18.86 18.66
CA LEU B 28 -14.39 19.07 20.03
C LEU B 28 -13.63 17.87 20.57
N ILE B 29 -13.87 16.68 20.00
CA ILE B 29 -13.14 15.51 20.43
C ILE B 29 -11.71 15.52 19.87
N VAL B 30 -11.55 15.98 18.63
CA VAL B 30 -10.22 16.04 18.02
C VAL B 30 -9.34 17.06 18.73
N PHE B 31 -9.94 18.11 19.27
CA PHE B 31 -9.13 19.13 19.92
C PHE B 31 -8.87 18.84 21.39
N PHE B 32 -9.71 18.03 22.04
CA PHE B 32 -9.63 17.90 23.49
C PHE B 32 -9.27 16.50 23.97
N VAL B 33 -9.19 15.51 23.09
CA VAL B 33 -8.68 14.20 23.50
C VAL B 33 -7.15 14.19 23.54
N PRO B 34 -6.38 14.69 22.55
CA PRO B 34 -4.93 14.70 22.73
C PRO B 34 -4.39 15.71 23.74
N ILE B 35 -5.24 16.50 24.38
CA ILE B 35 -4.77 17.40 25.43
C ILE B 35 -5.03 16.72 26.77
N LEU B 36 -6.14 15.99 26.88
CA LEU B 36 -6.47 15.32 28.13
C LEU B 36 -5.66 14.06 28.37
N LEU B 37 -4.84 13.62 27.42
CA LEU B 37 -3.96 12.47 27.62
C LEU B 37 -2.50 12.86 27.77
N LEU B 38 -2.17 14.14 27.61
CA LEU B 38 -0.81 14.65 27.80
C LEU B 38 -0.18 14.42 29.16
N PRO B 39 -0.91 14.20 30.26
CA PRO B 39 -0.25 13.63 31.45
C PRO B 39 0.46 12.30 31.25
N LEU B 40 0.14 11.52 30.21
CA LEU B 40 0.88 10.28 30.02
C LEU B 40 2.27 10.48 29.44
N PRO B 41 2.49 11.16 28.31
CA PRO B 41 3.87 11.29 27.82
C PRO B 41 4.70 12.38 28.49
N ILE B 42 4.21 13.00 29.55
CA ILE B 42 4.97 14.02 30.25
C ILE B 42 5.38 13.55 31.64
N LEU B 43 4.46 12.95 32.39
CA LEU B 43 4.78 12.57 33.77
C LEU B 43 5.62 11.30 33.82
N VAL B 44 5.40 10.35 32.92
CA VAL B 44 6.23 9.15 32.88
C VAL B 44 7.00 9.08 31.58
N PRO B 45 8.08 9.88 31.45
CA PRO B 45 8.76 9.99 30.16
C PRO B 45 9.61 8.80 29.80
N SER B 46 8.99 7.78 29.20
CA SER B 46 9.71 6.60 28.72
C SER B 46 9.17 6.23 27.35
N LYS B 47 9.87 5.33 26.67
CA LYS B 47 9.45 4.94 25.33
C LYS B 47 8.26 4.00 25.36
N GLU B 48 7.97 3.38 26.50
CA GLU B 48 6.78 2.54 26.59
C GLU B 48 5.53 3.39 26.76
N ALA B 49 5.64 4.51 27.47
CA ALA B 49 4.50 5.39 27.64
C ALA B 49 4.19 6.16 26.37
N TYR B 50 5.19 6.35 25.51
CA TYR B 50 4.94 7.01 24.23
C TYR B 50 4.17 6.11 23.29
N CYS B 51 4.30 4.80 23.44
CA CYS B 51 3.55 3.88 22.59
C CYS B 51 2.17 3.59 23.16
N ALA B 52 2.02 3.68 24.48
CA ALA B 52 0.70 3.52 25.07
C ALA B 52 -0.17 4.75 24.84
N TYR B 53 0.46 5.90 24.59
CA TYR B 53 -0.30 7.10 24.27
C TYR B 53 -0.91 7.00 22.88
N ALA B 54 -0.18 6.43 21.93
CA ALA B 54 -0.67 6.33 20.56
C ALA B 54 -1.74 5.24 20.43
N ILE B 55 -1.74 4.29 21.35
CA ILE B 55 -2.73 3.20 21.28
C ILE B 55 -4.07 3.68 21.81
N ILE B 56 -4.06 4.40 22.93
CA ILE B 56 -5.29 4.93 23.52
C ILE B 56 -5.87 6.02 22.63
N LEU B 57 -5.01 6.79 21.96
CA LEU B 57 -5.47 7.87 21.10
C LEU B 57 -6.21 7.34 19.88
N MET B 58 -5.67 6.33 19.21
CA MET B 58 -6.33 5.78 18.04
C MET B 58 -7.56 4.96 18.41
N ALA B 59 -7.59 4.40 19.61
CA ALA B 59 -8.78 3.64 20.02
C ALA B 59 -9.91 4.57 20.43
N LEU B 60 -9.59 5.80 20.82
CA LEU B 60 -10.64 6.75 21.16
C LEU B 60 -11.15 7.49 19.94
N PHE B 61 -10.38 7.55 18.87
CA PHE B 61 -10.86 8.19 17.65
C PHE B 61 -11.69 7.24 16.81
N TRP B 62 -11.67 5.95 17.12
CA TRP B 62 -12.49 4.99 16.39
C TRP B 62 -13.85 4.82 17.03
N CYS B 63 -13.91 4.83 18.36
CA CYS B 63 -15.19 4.61 19.03
C CYS B 63 -16.08 5.83 18.91
N THR B 64 -15.52 7.03 19.07
CA THR B 64 -16.30 8.25 18.93
C THR B 64 -16.51 8.66 17.48
N GLU B 65 -15.77 8.05 16.55
CA GLU B 65 -15.89 8.26 15.10
C GLU B 65 -15.68 9.72 14.71
N ALA B 66 -14.68 10.35 15.32
CA ALA B 66 -14.41 11.75 15.04
C ALA B 66 -13.80 11.93 13.66
N LEU B 67 -12.86 11.08 13.30
CA LEU B 67 -12.24 11.08 11.98
C LEU B 67 -12.71 9.88 11.19
N PRO B 68 -12.52 9.87 9.88
CA PRO B 68 -12.75 8.64 9.11
C PRO B 68 -11.81 7.51 9.53
N LEU B 69 -12.18 6.30 9.15
CA LEU B 69 -11.46 5.12 9.62
C LEU B 69 -10.09 5.01 8.96
N ALA B 70 -9.96 5.47 7.71
CA ALA B 70 -8.67 5.41 7.06
C ALA B 70 -7.77 6.57 7.43
N VAL B 71 -8.33 7.66 7.95
CA VAL B 71 -7.51 8.79 8.36
C VAL B 71 -6.84 8.51 9.70
N THR B 72 -7.55 7.85 10.61
CA THR B 72 -6.98 7.48 11.90
C THR B 72 -5.88 6.44 11.74
N ALA B 73 -5.97 5.60 10.72
CA ALA B 73 -4.93 4.62 10.46
C ALA B 73 -3.64 5.23 9.92
N LEU B 74 -3.65 6.50 9.53
CA LEU B 74 -2.44 7.18 9.11
C LEU B 74 -1.68 7.83 10.25
N PHE B 75 -2.16 7.68 11.48
CA PHE B 75 -1.53 8.28 12.65
C PHE B 75 -0.18 7.68 13.07
N PRO B 76 0.11 6.37 12.89
CA PRO B 76 1.49 5.93 13.13
C PRO B 76 2.52 6.50 12.17
N LEU B 77 2.10 7.07 11.04
CA LEU B 77 3.06 7.68 10.14
C LEU B 77 3.53 9.04 10.64
N ILE B 78 2.72 9.70 11.46
CA ILE B 78 3.08 11.01 12.00
C ILE B 78 3.19 11.02 13.51
N LEU B 79 3.21 9.86 14.15
CA LEU B 79 3.44 9.81 15.59
C LEU B 79 4.77 9.15 15.92
N PHE B 80 4.97 7.93 15.45
CA PHE B 80 6.16 7.13 15.77
C PHE B 80 7.49 7.73 15.32
N PRO B 81 7.61 8.44 14.17
CA PRO B 81 8.86 9.17 13.94
C PRO B 81 9.10 10.33 14.90
N MET B 82 8.11 11.19 15.11
CA MET B 82 8.35 12.42 15.86
C MET B 82 8.15 12.25 17.36
N MET B 83 8.25 11.03 17.88
CA MET B 83 8.51 10.84 19.30
C MET B 83 9.56 9.77 19.53
N GLY B 84 10.33 9.41 18.51
CA GLY B 84 11.53 8.63 18.68
C GLY B 84 11.36 7.14 18.72
N ILE B 85 10.18 6.62 18.39
CA ILE B 85 9.97 5.17 18.47
C ILE B 85 10.68 4.45 17.34
N VAL B 86 10.41 4.86 16.10
CA VAL B 86 10.96 4.19 14.93
C VAL B 86 11.08 5.23 13.82
N ASP B 87 12.01 5.02 12.91
CA ASP B 87 12.24 5.91 11.79
C ASP B 87 11.03 5.96 10.86
N ALA B 88 10.95 7.01 10.05
CA ALA B 88 9.81 7.17 9.15
C ALA B 88 9.87 6.19 7.99
N SER B 89 11.06 5.83 7.54
CA SER B 89 11.17 4.87 6.46
C SER B 89 10.95 3.44 6.92
N GLU B 90 11.02 3.18 8.22
CA GLU B 90 10.78 1.84 8.74
C GLU B 90 9.35 1.65 9.20
N VAL B 91 8.65 2.74 9.55
CA VAL B 91 7.23 2.63 9.84
C VAL B 91 6.41 2.66 8.56
N ALA B 92 7.02 3.09 7.45
CA ALA B 92 6.28 3.14 6.19
C ALA B 92 6.16 1.76 5.56
N VAL B 93 7.19 0.91 5.69
CA VAL B 93 7.04 -0.44 5.19
C VAL B 93 6.49 -1.34 6.29
N GLU B 94 5.25 -1.10 6.64
CA GLU B 94 4.44 -1.98 7.47
C GLU B 94 3.01 -1.98 6.99
N TYR B 95 2.71 -1.25 5.93
CA TYR B 95 1.34 -0.92 5.57
C TYR B 95 0.79 -1.80 4.47
N LEU B 96 1.64 -2.46 3.69
CA LEU B 96 1.15 -3.39 2.67
C LEU B 96 1.90 -4.69 2.88
N LYS B 97 1.39 -5.52 3.78
CA LYS B 97 1.96 -6.82 4.07
C LYS B 97 1.30 -7.87 3.19
N ASP B 98 1.51 -9.14 3.52
CA ASP B 98 0.95 -10.22 2.72
C ASP B 98 -0.57 -10.32 2.89
N SER B 99 -1.08 -9.98 4.07
CA SER B 99 -2.51 -10.13 4.30
C SER B 99 -3.31 -8.97 3.70
N ASN B 100 -2.65 -7.87 3.35
CA ASN B 100 -3.32 -6.83 2.57
C ASN B 100 -3.58 -7.28 1.15
N LEU B 101 -2.68 -8.07 0.58
CA LEU B 101 -2.85 -8.48 -0.80
C LEU B 101 -3.84 -9.63 -0.91
N LEU B 102 -4.08 -10.35 0.18
CA LEU B 102 -5.13 -11.37 0.18
C LEU B 102 -6.50 -10.72 0.23
N PHE B 103 -6.61 -9.58 0.91
CA PHE B 103 -7.86 -8.83 0.89
C PHE B 103 -8.05 -8.13 -0.46
N PHE B 104 -6.95 -7.72 -1.09
CA PHE B 104 -7.04 -7.05 -2.38
C PHE B 104 -7.48 -8.03 -3.46
N GLY B 105 -6.80 -9.18 -3.57
CA GLY B 105 -7.15 -10.14 -4.60
C GLY B 105 -8.44 -10.88 -4.30
N GLY B 106 -8.83 -10.94 -3.03
CA GLY B 106 -10.10 -11.56 -2.69
C GLY B 106 -11.29 -10.69 -3.06
N LEU B 107 -11.09 -9.37 -3.05
CA LEU B 107 -12.15 -8.45 -3.45
C LEU B 107 -12.12 -8.14 -4.94
N LEU B 108 -11.08 -8.54 -5.65
CA LEU B 108 -11.12 -8.47 -7.10
C LEU B 108 -12.09 -9.51 -7.66
N VAL B 109 -12.20 -10.65 -6.99
CA VAL B 109 -13.15 -11.67 -7.41
C VAL B 109 -14.57 -11.27 -6.99
N ALA B 110 -14.70 -10.61 -5.85
CA ALA B 110 -16.03 -10.23 -5.36
C ALA B 110 -16.61 -9.07 -6.15
N ILE B 111 -15.77 -8.31 -6.85
CA ILE B 111 -16.28 -7.25 -7.71
C ILE B 111 -16.83 -7.85 -9.00
N ALA B 112 -16.14 -8.82 -9.57
CA ALA B 112 -16.60 -9.46 -10.80
C ALA B 112 -17.84 -10.32 -10.56
N VAL B 113 -17.98 -10.86 -9.35
CA VAL B 113 -19.21 -11.55 -8.99
C VAL B 113 -20.38 -10.58 -8.92
N GLU B 114 -20.14 -9.41 -8.32
CA GLU B 114 -21.20 -8.41 -8.16
C GLU B 114 -21.56 -7.75 -9.48
N HIS B 115 -20.59 -7.54 -10.36
CA HIS B 115 -20.84 -6.75 -11.57
C HIS B 115 -21.64 -7.52 -12.60
N TRP B 116 -21.50 -8.85 -12.65
CA TRP B 116 -22.15 -9.66 -13.67
C TRP B 116 -23.39 -10.35 -13.14
N ASN B 117 -23.96 -9.84 -12.04
CA ASN B 117 -25.20 -10.32 -11.42
C ASN B 117 -25.13 -11.79 -11.04
N LEU B 118 -23.96 -12.24 -10.60
CA LEU B 118 -23.84 -13.56 -10.02
C LEU B 118 -24.20 -13.57 -8.55
N HIS B 119 -24.12 -12.41 -7.89
CA HIS B 119 -24.51 -12.33 -6.49
C HIS B 119 -26.01 -12.45 -6.32
N LYS B 120 -26.78 -12.19 -7.38
CA LYS B 120 -28.22 -12.39 -7.30
C LYS B 120 -28.58 -13.85 -7.50
N ARG B 121 -27.69 -14.64 -8.08
CA ARG B 121 -27.96 -16.06 -8.23
C ARG B 121 -27.68 -16.81 -6.95
N ILE B 122 -26.61 -16.43 -6.25
CA ILE B 122 -26.23 -17.11 -5.02
C ILE B 122 -27.18 -16.75 -3.89
N ALA B 123 -27.57 -15.47 -3.80
CA ALA B 123 -28.40 -15.02 -2.69
C ALA B 123 -29.82 -15.53 -2.80
N LEU B 124 -30.25 -15.90 -4.01
CA LEU B 124 -31.56 -16.51 -4.15
C LEU B 124 -31.51 -18.01 -3.93
N ARG B 125 -30.36 -18.63 -4.18
CA ARG B 125 -30.26 -20.07 -3.95
C ARG B 125 -30.03 -20.37 -2.48
N VAL B 126 -29.49 -19.41 -1.73
CA VAL B 126 -29.34 -19.61 -0.30
C VAL B 126 -30.69 -19.49 0.39
N LEU B 127 -31.46 -18.44 0.08
CA LEU B 127 -32.73 -18.21 0.73
C LEU B 127 -33.80 -19.20 0.32
N LEU B 128 -33.64 -19.88 -0.82
CA LEU B 128 -34.57 -20.95 -1.15
C LEU B 128 -34.32 -22.19 -0.30
N ILE B 129 -33.08 -22.36 0.16
CA ILE B 129 -32.75 -23.54 0.97
C ILE B 129 -33.05 -23.28 2.44
N VAL B 130 -32.49 -22.20 2.99
CA VAL B 130 -32.64 -21.92 4.41
C VAL B 130 -34.05 -21.41 4.71
N GLY B 131 -34.43 -20.31 4.08
CA GLY B 131 -35.75 -19.75 4.31
C GLY B 131 -35.69 -18.42 5.01
N VAL B 132 -36.75 -17.63 4.89
CA VAL B 132 -36.80 -16.29 5.49
C VAL B 132 -37.16 -16.51 6.95
N ARG B 133 -36.14 -16.62 7.80
CA ARG B 133 -36.27 -16.65 9.25
C ARG B 133 -34.98 -15.95 9.67
N PRO B 134 -35.03 -15.01 10.60
CA PRO B 134 -33.81 -14.28 10.98
C PRO B 134 -32.76 -15.13 11.69
N ALA B 135 -33.13 -15.86 12.73
CA ALA B 135 -32.13 -16.54 13.54
C ALA B 135 -31.57 -17.84 12.95
N PRO B 136 -32.34 -18.72 12.28
CA PRO B 136 -31.67 -19.85 11.62
C PRO B 136 -30.86 -19.46 10.40
N LEU B 137 -31.09 -18.29 9.82
CA LEU B 137 -30.25 -17.85 8.71
C LEU B 137 -28.87 -17.43 9.20
N ILE B 138 -28.79 -16.85 10.40
CA ILE B 138 -27.51 -16.43 10.95
C ILE B 138 -26.70 -17.64 11.37
N LEU B 139 -27.35 -18.65 11.97
CA LEU B 139 -26.65 -19.86 12.36
C LEU B 139 -26.19 -20.66 11.14
N GLY B 140 -26.87 -20.49 10.01
CA GLY B 140 -26.41 -21.12 8.79
C GLY B 140 -25.15 -20.48 8.25
N PHE B 141 -24.93 -19.21 8.57
CA PHE B 141 -23.72 -18.52 8.11
C PHE B 141 -22.59 -18.67 9.11
N MET B 142 -22.90 -18.91 10.38
CA MET B 142 -21.86 -19.09 11.36
C MET B 142 -21.23 -20.47 11.25
N LEU B 143 -22.00 -21.45 10.79
CA LEU B 143 -21.46 -22.81 10.71
C LEU B 143 -20.56 -22.98 9.50
N VAL B 144 -20.95 -22.40 8.36
CA VAL B 144 -20.16 -22.56 7.14
C VAL B 144 -18.88 -21.74 7.21
N THR B 145 -18.94 -20.59 7.88
CA THR B 145 -17.73 -19.78 8.05
C THR B 145 -16.76 -20.42 9.02
N ALA B 146 -17.26 -20.98 10.12
CA ALA B 146 -16.37 -21.62 11.08
C ALA B 146 -15.85 -22.95 10.56
N PHE B 147 -16.59 -23.62 9.68
CA PHE B 147 -16.07 -24.85 9.10
C PHE B 147 -15.01 -24.56 8.05
N LEU B 148 -15.18 -23.49 7.28
CA LEU B 148 -14.18 -23.13 6.29
C LEU B 148 -12.91 -22.61 6.94
N SER B 149 -13.03 -21.93 8.07
CA SER B 149 -11.86 -21.33 8.72
C SER B 149 -10.98 -22.36 9.42
N MET B 150 -11.44 -23.59 9.59
CA MET B 150 -10.61 -24.63 10.17
C MET B 150 -9.51 -25.08 9.21
N TRP B 151 -9.67 -24.87 7.91
CA TRP B 151 -8.75 -25.41 6.93
C TRP B 151 -7.98 -24.37 6.13
N ILE B 152 -8.44 -23.13 6.05
CA ILE B 152 -7.73 -22.07 5.36
C ILE B 152 -7.53 -20.90 6.32
N SER B 153 -6.87 -19.86 5.82
CA SER B 153 -6.55 -18.71 6.64
C SER B 153 -7.80 -17.89 6.93
N ASN B 154 -7.76 -17.16 8.04
CA ASN B 154 -8.94 -16.43 8.48
C ASN B 154 -9.20 -15.21 7.62
N THR B 155 -8.17 -14.70 6.95
CA THR B 155 -8.37 -13.57 6.04
C THR B 155 -9.00 -14.03 4.74
N ALA B 156 -8.70 -15.26 4.30
CA ALA B 156 -9.27 -15.75 3.05
C ALA B 156 -10.73 -16.14 3.25
N THR B 157 -11.12 -16.50 4.46
CA THR B 157 -12.52 -16.82 4.70
C THR B 157 -13.36 -15.56 4.81
N SER B 158 -12.82 -14.52 5.46
CA SER B 158 -13.59 -13.29 5.62
C SER B 158 -13.65 -12.50 4.32
N ALA B 159 -12.65 -12.63 3.46
CA ALA B 159 -12.70 -11.95 2.17
C ALA B 159 -13.67 -12.61 1.21
N MET B 160 -14.03 -13.87 1.47
CA MET B 160 -14.95 -14.57 0.58
C MET B 160 -16.38 -14.50 1.09
N MET B 161 -16.58 -14.64 2.39
CA MET B 161 -17.92 -14.80 2.96
C MET B 161 -18.62 -13.49 3.26
N VAL B 162 -17.88 -12.40 3.44
CA VAL B 162 -18.49 -11.10 3.73
C VAL B 162 -19.25 -10.53 2.54
N PRO B 163 -18.74 -10.54 1.28
CA PRO B 163 -19.60 -10.09 0.18
C PRO B 163 -20.77 -11.02 -0.12
N ILE B 164 -20.70 -12.29 0.27
CA ILE B 164 -21.85 -13.17 0.07
C ILE B 164 -22.93 -12.88 1.09
N ALA B 165 -22.54 -12.61 2.34
CA ALA B 165 -23.52 -12.31 3.38
C ALA B 165 -24.13 -10.93 3.19
N HIS B 166 -23.46 -10.06 2.45
CA HIS B 166 -24.03 -8.76 2.16
C HIS B 166 -25.10 -8.85 1.08
N ALA B 167 -24.92 -9.79 0.14
CA ALA B 167 -25.86 -9.90 -0.96
C ALA B 167 -27.14 -10.61 -0.52
N VAL B 168 -27.06 -11.42 0.54
CA VAL B 168 -28.25 -12.09 1.05
C VAL B 168 -29.13 -11.09 1.79
N LEU B 169 -28.52 -10.16 2.51
CA LEU B 169 -29.29 -9.17 3.25
C LEU B 169 -29.95 -8.16 2.31
N ASP B 170 -29.31 -7.86 1.19
CA ASP B 170 -29.93 -6.95 0.23
C ASP B 170 -31.06 -7.63 -0.54
N GLN B 171 -30.99 -8.95 -0.66
CA GLN B 171 -32.08 -9.67 -1.31
C GLN B 171 -33.19 -9.99 -0.32
N LEU B 172 -32.87 -9.98 0.97
CA LEU B 172 -33.91 -10.23 1.97
C LEU B 172 -34.74 -8.97 2.20
N HIS B 173 -34.07 -7.83 2.32
CA HIS B 173 -34.77 -6.58 2.61
C HIS B 173 -35.57 -6.10 1.40
N SER B 174 -35.07 -6.31 0.19
CA SER B 174 -35.80 -5.90 -1.00
C SER B 174 -37.03 -6.77 -1.23
N SER B 175 -36.97 -8.05 -0.88
CA SER B 175 -38.08 -8.95 -1.08
C SER B 175 -39.06 -8.96 0.09
N GLN B 176 -38.92 -8.04 1.03
CA GLN B 176 -39.88 -7.91 2.12
C GLN B 176 -40.75 -6.67 1.99
N ALA B 177 -40.63 -5.94 0.89
CA ALA B 177 -41.44 -4.75 0.67
C ALA B 177 -41.92 -4.70 -0.77
N HIS B 229 -31.89 -3.77 12.55
CA HIS B 229 -30.74 -4.20 13.32
C HIS B 229 -30.20 -5.54 12.83
N LEU B 230 -30.86 -6.10 11.82
CA LEU B 230 -30.43 -7.39 11.29
C LEU B 230 -29.15 -7.28 10.48
N THR B 231 -28.89 -6.11 9.90
CA THR B 231 -27.70 -5.99 9.05
C THR B 231 -26.42 -5.82 9.86
N GLN B 232 -26.54 -5.55 11.16
CA GLN B 232 -25.36 -5.50 12.00
C GLN B 232 -25.12 -6.84 12.69
N CYS B 233 -26.19 -7.61 12.90
CA CYS B 233 -26.04 -8.92 13.52
C CYS B 233 -25.42 -9.92 12.54
N MET B 234 -25.64 -9.73 11.25
CA MET B 234 -25.11 -10.65 10.25
C MET B 234 -23.72 -10.27 9.78
N SER B 235 -23.32 -9.00 9.93
CA SER B 235 -21.96 -8.63 9.57
C SER B 235 -20.99 -9.02 10.68
N LEU B 236 -21.45 -9.03 11.93
CA LEU B 236 -20.58 -9.39 13.04
C LEU B 236 -20.48 -10.90 13.20
N CYS B 237 -21.47 -11.64 12.71
CA CYS B 237 -21.44 -13.10 12.91
C CYS B 237 -20.48 -13.76 11.93
N VAL B 238 -20.16 -13.10 10.82
CA VAL B 238 -19.16 -13.63 9.91
C VAL B 238 -17.76 -13.20 10.35
N CYS B 239 -17.67 -12.05 11.02
CA CYS B 239 -16.40 -11.62 11.60
C CYS B 239 -15.98 -12.52 12.74
N TYR B 240 -16.91 -12.90 13.60
CA TYR B 240 -16.56 -13.64 14.80
C TYR B 240 -16.39 -15.13 14.54
N SER B 241 -17.14 -15.69 13.59
CA SER B 241 -17.03 -17.11 13.32
C SER B 241 -15.76 -17.43 12.55
N ALA B 242 -15.18 -16.45 11.87
CA ALA B 242 -13.91 -16.69 11.20
C ALA B 242 -12.74 -16.73 12.18
N SER B 243 -12.87 -16.10 13.35
CA SER B 243 -11.84 -16.15 14.36
C SER B 243 -12.07 -17.25 15.39
N ILE B 244 -13.32 -17.52 15.74
CA ILE B 244 -13.63 -18.58 16.69
C ILE B 244 -13.34 -19.94 16.09
N GLY B 245 -13.74 -20.14 14.84
CA GLY B 245 -13.58 -21.44 14.20
C GLY B 245 -12.16 -21.79 13.84
N GLY B 246 -11.24 -20.84 13.86
CA GLY B 246 -9.87 -21.14 13.49
C GLY B 246 -9.04 -21.81 14.56
N ILE B 247 -9.58 -21.98 15.77
CA ILE B 247 -8.80 -22.52 16.87
C ILE B 247 -9.00 -24.02 17.06
N ALA B 248 -9.85 -24.64 16.27
CA ALA B 248 -10.15 -26.05 16.45
C ALA B 248 -9.17 -26.97 15.74
N THR B 249 -8.22 -26.44 14.99
CA THR B 249 -7.20 -27.26 14.34
C THR B 249 -5.84 -26.64 14.59
N LEU B 250 -4.81 -27.48 14.47
CA LEU B 250 -3.45 -27.03 14.77
C LEU B 250 -2.94 -26.11 13.69
N THR B 251 -3.26 -26.38 12.43
CA THR B 251 -2.89 -25.51 11.32
C THR B 251 -4.01 -24.55 10.95
N GLY B 252 -4.91 -24.26 11.87
CA GLY B 252 -6.02 -23.37 11.56
C GLY B 252 -5.61 -21.91 11.55
N THR B 253 -4.82 -21.50 12.55
CA THR B 253 -4.36 -20.13 12.64
C THR B 253 -2.86 -20.14 12.93
N ALA B 254 -2.30 -18.94 13.00
CA ALA B 254 -0.85 -18.77 13.14
C ALA B 254 -0.30 -18.96 14.57
N PRO B 255 -0.92 -18.45 15.65
CA PRO B 255 -0.32 -18.73 16.98
C PRO B 255 -0.49 -20.16 17.47
N ASN B 256 -1.28 -20.98 16.79
CA ASN B 256 -1.36 -22.38 17.20
C ASN B 256 -0.10 -23.15 16.84
N LEU B 257 0.56 -22.76 15.76
CA LEU B 257 1.80 -23.42 15.35
C LEU B 257 2.99 -22.92 16.15
N VAL B 258 2.87 -21.77 16.79
CA VAL B 258 3.96 -21.24 17.61
C VAL B 258 4.08 -22.04 18.90
N LEU B 259 2.96 -22.56 19.41
CA LEU B 259 3.00 -23.38 20.61
C LEU B 259 3.69 -24.71 20.34
N GLN B 260 3.49 -25.29 19.16
CA GLN B 260 4.21 -26.51 18.80
C GLN B 260 5.69 -26.23 18.56
N GLY B 261 6.03 -24.98 18.25
CA GLY B 261 7.44 -24.61 18.18
C GLY B 261 8.06 -24.42 19.55
N GLN B 262 7.35 -23.71 20.44
CA GLN B 262 7.93 -23.40 21.75
C GLN B 262 7.92 -24.59 22.68
N ILE B 263 7.09 -25.60 22.41
CA ILE B 263 7.15 -26.80 23.23
C ILE B 263 8.32 -27.66 22.82
N ASN B 264 8.57 -27.80 21.51
CA ASN B 264 9.69 -28.60 21.05
C ASN B 264 11.03 -27.90 21.24
N SER B 265 11.03 -26.60 21.50
CA SER B 265 12.30 -25.89 21.68
C SER B 265 12.66 -25.69 23.14
N LEU B 266 11.67 -25.46 24.00
CA LEU B 266 11.95 -25.35 25.43
C LEU B 266 12.23 -26.71 26.04
N PHE B 267 11.30 -27.64 25.86
CA PHE B 267 11.41 -28.98 26.44
C PHE B 267 11.63 -29.97 25.30
N PRO B 268 12.87 -30.35 25.00
CA PRO B 268 13.12 -31.15 23.80
C PRO B 268 12.79 -32.63 23.94
N GLN B 269 12.42 -33.10 25.12
CA GLN B 269 12.08 -34.51 25.32
C GLN B 269 10.61 -34.71 25.67
N ASN B 270 9.72 -33.91 25.11
CA ASN B 270 8.31 -34.04 25.42
C ASN B 270 7.68 -35.27 24.78
N GLY B 271 8.27 -35.77 23.70
CA GLY B 271 7.70 -36.93 23.03
C GLY B 271 6.50 -36.62 22.17
N ASN B 272 6.46 -35.41 21.59
CA ASN B 272 5.39 -34.93 20.71
C ASN B 272 4.03 -34.99 21.40
N VAL B 273 3.90 -34.21 22.47
CA VAL B 273 2.67 -34.22 23.25
C VAL B 273 1.62 -33.27 22.68
N VAL B 274 2.02 -32.32 21.83
CA VAL B 274 1.09 -31.45 21.14
C VAL B 274 1.22 -31.76 19.65
N ASN B 275 0.30 -32.56 19.13
CA ASN B 275 0.25 -32.92 17.73
C ASN B 275 -1.15 -32.62 17.20
N PHE B 276 -1.45 -33.08 15.99
CA PHE B 276 -2.75 -32.79 15.40
C PHE B 276 -3.86 -33.58 16.06
N ALA B 277 -3.57 -34.78 16.54
CA ALA B 277 -4.63 -35.64 17.04
C ALA B 277 -5.03 -35.29 18.47
N SER B 278 -4.14 -34.62 19.21
CA SER B 278 -4.46 -34.31 20.60
C SER B 278 -4.87 -32.86 20.77
N TRP B 279 -4.44 -31.98 19.87
CA TRP B 279 -4.95 -30.63 19.88
C TRP B 279 -6.40 -30.58 19.42
N PHE B 280 -6.76 -31.45 18.46
CA PHE B 280 -8.13 -31.47 17.97
C PHE B 280 -9.08 -32.03 19.01
N SER B 281 -8.61 -32.97 19.83
CA SER B 281 -9.49 -33.52 20.85
C SER B 281 -9.72 -32.55 21.99
N PHE B 282 -8.86 -31.54 22.14
CA PHE B 282 -9.00 -30.58 23.22
C PHE B 282 -9.68 -29.30 22.76
N ALA B 283 -9.41 -28.84 21.54
CA ALA B 283 -9.85 -27.52 21.12
C ALA B 283 -11.07 -27.54 20.21
N PHE B 284 -11.52 -28.71 19.76
CA PHE B 284 -12.75 -28.75 18.99
C PHE B 284 -14.01 -28.67 19.87
N PRO B 285 -14.12 -29.33 21.03
CA PRO B 285 -15.28 -29.04 21.88
C PRO B 285 -15.26 -27.65 22.47
N THR B 286 -14.12 -26.98 22.54
CA THR B 286 -14.11 -25.58 22.96
C THR B 286 -14.67 -24.68 21.88
N MET B 287 -14.43 -25.03 20.61
CA MET B 287 -14.90 -24.20 19.51
C MET B 287 -16.42 -24.25 19.38
N VAL B 288 -17.02 -25.41 19.64
CA VAL B 288 -18.45 -25.56 19.45
C VAL B 288 -19.22 -24.89 20.57
N ILE B 289 -18.72 -24.99 21.81
CA ILE B 289 -19.36 -24.32 22.94
C ILE B 289 -19.23 -22.81 22.80
N LEU B 290 -18.08 -22.33 22.33
CA LEU B 290 -17.90 -20.90 22.16
C LEU B 290 -18.68 -20.37 20.96
N LEU B 291 -18.99 -21.23 19.99
CA LEU B 291 -19.76 -20.77 18.84
C LEU B 291 -21.23 -20.60 19.20
N LEU B 292 -21.81 -21.57 19.91
CA LEU B 292 -23.22 -21.48 20.24
C LEU B 292 -23.48 -20.45 21.34
N LEU B 293 -22.47 -20.17 22.17
CA LEU B 293 -22.62 -19.08 23.13
C LEU B 293 -22.43 -17.73 22.46
N ALA B 294 -21.78 -17.70 21.31
CA ALA B 294 -21.65 -16.43 20.58
C ALA B 294 -22.88 -16.17 19.73
N TRP B 295 -23.55 -17.23 19.29
CA TRP B 295 -24.79 -17.06 18.54
C TRP B 295 -25.91 -16.60 19.44
N LEU B 296 -25.93 -17.04 20.69
CA LEU B 296 -26.97 -16.61 21.61
C LEU B 296 -26.75 -15.18 22.07
N TRP B 297 -25.49 -14.77 22.20
CA TRP B 297 -25.22 -13.42 22.66
C TRP B 297 -25.43 -12.39 21.56
N LEU B 298 -25.09 -12.74 20.32
CA LEU B 298 -25.30 -11.81 19.22
C LEU B 298 -26.78 -11.65 18.91
N GLN B 299 -27.58 -12.68 19.15
CA GLN B 299 -29.00 -12.60 18.89
C GLN B 299 -29.73 -11.80 19.97
N ILE B 300 -29.35 -12.00 21.23
CA ILE B 300 -29.96 -11.26 22.33
C ILE B 300 -29.63 -9.77 22.26
N LEU B 301 -28.42 -9.44 21.83
CA LEU B 301 -27.97 -8.05 21.86
C LEU B 301 -28.63 -7.24 20.74
N PHE B 302 -28.50 -7.69 19.49
CA PHE B 302 -28.93 -6.87 18.36
C PHE B 302 -30.39 -7.12 18.00
N LEU B 303 -30.78 -8.38 17.85
CA LEU B 303 -32.19 -8.69 17.76
C LEU B 303 -32.78 -8.69 19.17
N GLY B 304 -34.08 -8.86 19.27
CA GLY B 304 -34.71 -8.86 20.57
C GLY B 304 -34.47 -10.15 21.31
N PHE B 305 -34.82 -10.15 22.60
CA PHE B 305 -34.83 -11.37 23.40
C PHE B 305 -36.21 -12.00 23.45
N ASN B 306 -37.02 -11.82 22.41
CA ASN B 306 -38.36 -12.38 22.39
C ASN B 306 -38.33 -13.89 22.18
N PHE B 307 -37.39 -14.37 21.37
CA PHE B 307 -37.12 -15.78 21.07
C PHE B 307 -38.29 -16.51 20.42
N ARG B 308 -39.26 -15.78 19.93
CA ARG B 308 -40.29 -16.30 19.05
C ARG B 308 -40.48 -15.44 17.82
N LYS B 309 -40.20 -14.15 17.93
CA LYS B 309 -40.09 -13.31 16.74
C LYS B 309 -38.85 -13.65 15.95
N ASN B 310 -37.80 -14.14 16.61
CA ASN B 310 -36.55 -14.45 15.93
C ASN B 310 -36.68 -15.72 15.09
N PHE B 311 -37.18 -16.80 15.68
CA PHE B 311 -37.38 -18.01 14.91
C PHE B 311 -38.66 -17.96 14.07
N GLY B 312 -39.54 -17.01 14.33
CA GLY B 312 -40.75 -16.86 13.56
C GLY B 312 -41.74 -17.99 13.79
N ILE B 313 -42.24 -18.10 15.01
CA ILE B 313 -43.22 -19.11 15.37
C ILE B 313 -44.51 -18.40 15.77
N GLY B 314 -45.64 -18.99 15.41
CA GLY B 314 -46.93 -18.43 15.70
C GLY B 314 -47.51 -17.69 14.49
N GLU B 315 -48.74 -17.21 14.67
CA GLU B 315 -49.38 -16.46 13.61
C GLU B 315 -48.89 -15.01 13.62
N LYS B 316 -49.18 -14.32 12.51
CA LYS B 316 -48.78 -12.96 12.10
C LYS B 316 -47.29 -12.92 11.71
N MET B 317 -46.56 -14.00 11.96
CA MET B 317 -45.24 -14.20 11.40
C MET B 317 -45.22 -15.28 10.34
N GLN B 318 -46.23 -16.13 10.29
CA GLN B 318 -46.39 -17.05 9.17
C GLN B 318 -47.15 -16.42 8.02
N GLU B 319 -47.85 -15.31 8.26
CA GLU B 319 -48.49 -14.60 7.17
C GLU B 319 -47.47 -13.83 6.35
N GLN B 320 -46.47 -13.25 7.00
CA GLN B 320 -45.48 -12.47 6.27
C GLN B 320 -44.43 -13.36 5.61
N GLN B 321 -44.03 -14.44 6.28
CA GLN B 321 -42.96 -15.27 5.76
C GLN B 321 -43.44 -16.17 4.62
N GLN B 322 -44.75 -16.41 4.51
CA GLN B 322 -45.25 -17.03 3.28
C GLN B 322 -45.34 -16.00 2.16
N ALA B 323 -45.59 -14.73 2.50
CA ALA B 323 -45.65 -13.70 1.48
C ALA B 323 -44.26 -13.19 1.15
N ALA B 324 -43.26 -13.53 1.96
CA ALA B 324 -41.89 -13.16 1.62
C ALA B 324 -41.20 -14.28 0.86
N TYR B 325 -41.57 -15.53 1.14
CA TYR B 325 -40.98 -16.65 0.41
C TYR B 325 -41.55 -16.77 -0.99
N CYS B 326 -42.78 -16.31 -1.21
CA CYS B 326 -43.37 -16.44 -2.54
C CYS B 326 -42.83 -15.38 -3.48
N VAL B 327 -42.23 -14.32 -2.95
CA VAL B 327 -41.56 -13.35 -3.79
C VAL B 327 -40.20 -13.90 -4.24
N ILE B 328 -39.53 -14.64 -3.37
CA ILE B 328 -38.22 -15.19 -3.69
C ILE B 328 -38.32 -16.28 -4.74
N GLN B 329 -39.36 -17.12 -4.66
CA GLN B 329 -39.59 -18.15 -5.67
C GLN B 329 -39.93 -17.54 -7.03
N THR B 330 -40.58 -16.38 -7.04
CA THR B 330 -40.89 -15.72 -8.30
C THR B 330 -39.65 -15.04 -8.87
N GLU B 331 -38.89 -14.36 -8.01
CA GLU B 331 -37.67 -13.67 -8.44
C GLU B 331 -36.61 -14.64 -8.93
N HIS B 332 -36.61 -15.87 -8.42
CA HIS B 332 -35.65 -16.86 -8.88
C HIS B 332 -36.09 -17.53 -10.18
N ARG B 333 -37.39 -17.54 -10.49
CA ARG B 333 -37.85 -18.18 -11.71
C ARG B 333 -37.58 -17.32 -12.94
N LEU B 334 -37.35 -16.02 -12.77
CA LEU B 334 -36.77 -15.20 -13.83
C LEU B 334 -35.26 -15.38 -13.79
N LEU B 335 -34.53 -14.54 -14.54
CA LEU B 335 -33.07 -14.60 -14.70
C LEU B 335 -32.63 -16.02 -15.09
N GLY B 336 -32.91 -16.35 -16.34
CA GLY B 336 -32.96 -17.72 -16.79
C GLY B 336 -31.58 -18.30 -17.05
N PRO B 337 -31.28 -18.63 -18.31
CA PRO B 337 -30.00 -19.28 -18.61
C PRO B 337 -28.82 -18.37 -18.33
N MET B 338 -27.74 -18.96 -17.83
CA MET B 338 -26.58 -18.19 -17.42
C MET B 338 -25.82 -17.68 -18.64
N THR B 339 -25.22 -16.50 -18.49
CA THR B 339 -24.47 -15.89 -19.58
C THR B 339 -23.08 -16.51 -19.65
N PHE B 340 -22.25 -16.01 -20.55
CA PHE B 340 -20.87 -16.49 -20.60
C PHE B 340 -20.05 -15.96 -19.44
N ALA B 341 -20.41 -14.77 -18.94
CA ALA B 341 -19.64 -14.18 -17.85
C ALA B 341 -19.92 -14.87 -16.52
N GLU B 342 -21.10 -15.47 -16.38
CA GLU B 342 -21.39 -16.19 -15.14
C GLU B 342 -20.76 -17.58 -15.16
N LYS B 343 -20.56 -18.15 -16.34
CA LYS B 343 -19.98 -19.48 -16.42
C LYS B 343 -18.48 -19.45 -16.21
N ALA B 344 -17.85 -18.33 -16.53
CA ALA B 344 -16.40 -18.26 -16.40
C ALA B 344 -15.99 -17.80 -15.01
N ILE B 345 -16.87 -17.09 -14.32
CA ILE B 345 -16.53 -16.60 -12.99
C ILE B 345 -16.79 -17.68 -11.95
N SER B 346 -17.85 -18.46 -12.13
CA SER B 346 -18.18 -19.51 -11.18
C SER B 346 -17.17 -20.65 -11.24
N ILE B 347 -16.57 -20.90 -12.41
CA ILE B 347 -15.50 -21.89 -12.50
C ILE B 347 -14.23 -21.37 -11.85
N LEU B 348 -13.92 -20.08 -12.04
CA LEU B 348 -12.77 -19.48 -11.38
C LEU B 348 -12.96 -19.34 -9.88
N PHE B 349 -14.19 -19.46 -9.39
CA PHE B 349 -14.43 -19.37 -7.96
C PHE B 349 -14.21 -20.72 -7.28
N VAL B 350 -14.50 -21.82 -7.96
CA VAL B 350 -14.22 -23.14 -7.39
C VAL B 350 -12.73 -23.43 -7.41
N ILE B 351 -12.04 -23.00 -8.46
CA ILE B 351 -10.59 -23.23 -8.57
C ILE B 351 -9.84 -22.42 -7.53
N LEU B 352 -10.38 -21.25 -7.16
CA LEU B 352 -9.74 -20.44 -6.14
C LEU B 352 -9.81 -21.09 -4.76
N VAL B 353 -10.93 -21.73 -4.43
CA VAL B 353 -11.05 -22.36 -3.12
C VAL B 353 -10.33 -23.71 -3.11
N LEU B 354 -10.31 -24.41 -4.24
CA LEU B 354 -9.60 -25.68 -4.30
C LEU B 354 -8.09 -25.50 -4.24
N LEU B 355 -7.58 -24.34 -4.65
CA LEU B 355 -6.16 -24.07 -4.49
C LEU B 355 -5.84 -23.51 -3.13
N TRP B 356 -6.84 -23.14 -2.34
CA TRP B 356 -6.58 -22.69 -0.97
C TRP B 356 -6.58 -23.85 0.01
N PHE B 357 -7.42 -24.86 -0.24
CA PHE B 357 -7.49 -26.02 0.64
C PHE B 357 -6.20 -26.81 0.60
N THR B 358 -5.61 -26.99 -0.58
CA THR B 358 -4.53 -27.94 -0.79
C THR B 358 -3.18 -27.27 -1.00
N ARG B 359 -3.02 -26.01 -0.59
CA ARG B 359 -1.74 -25.35 -0.81
C ARG B 359 -0.71 -25.80 0.22
N GLU B 360 -1.05 -25.70 1.49
CA GLU B 360 -0.17 -26.14 2.58
C GLU B 360 -1.03 -26.57 3.75
N PRO B 361 -1.54 -27.79 3.71
CA PRO B 361 -2.53 -28.19 4.72
C PRO B 361 -1.90 -28.54 6.05
N GLY B 362 -0.69 -29.07 6.03
CA GLY B 362 0.00 -29.41 7.25
C GLY B 362 -0.09 -30.87 7.62
N PHE B 363 -1.27 -31.48 7.45
CA PHE B 363 -1.41 -32.89 7.76
C PHE B 363 -1.17 -33.80 6.57
N PHE B 364 -1.04 -33.25 5.37
CA PHE B 364 -0.39 -33.93 4.26
C PHE B 364 0.41 -32.89 3.49
N LEU B 365 0.95 -33.29 2.36
CA LEU B 365 1.89 -32.46 1.61
C LEU B 365 1.18 -31.86 0.41
N GLY B 366 0.99 -30.53 0.42
CA GLY B 366 0.26 -29.85 -0.63
C GLY B 366 1.13 -29.56 -1.84
N TRP B 367 0.56 -28.83 -2.79
CA TRP B 367 1.33 -28.44 -3.96
C TRP B 367 2.28 -27.30 -3.67
N GLY B 368 2.10 -26.59 -2.55
CA GLY B 368 3.03 -25.55 -2.19
C GLY B 368 4.35 -26.05 -1.63
N ASN B 369 4.40 -27.31 -1.21
CA ASN B 369 5.63 -27.92 -0.74
C ASN B 369 6.30 -28.79 -1.79
N LEU B 370 5.53 -29.40 -2.69
CA LEU B 370 6.12 -30.16 -3.77
C LEU B 370 6.76 -29.23 -4.80
N ALA B 371 5.95 -28.39 -5.42
CA ALA B 371 6.47 -27.30 -6.23
C ALA B 371 6.69 -26.08 -5.35
N PHE B 372 7.58 -25.20 -5.79
CA PHE B 372 8.04 -24.00 -5.10
C PHE B 372 8.42 -24.19 -3.63
N PRO B 373 9.44 -25.00 -3.27
CA PRO B 373 9.86 -24.99 -1.86
C PRO B 373 11.02 -24.06 -1.59
N ASN B 374 11.17 -23.62 -0.35
CA ASN B 374 12.35 -22.87 0.04
C ASN B 374 13.39 -23.83 0.62
N ALA B 375 14.41 -23.30 1.30
CA ALA B 375 15.48 -24.14 1.81
C ALA B 375 15.01 -25.00 2.98
N LYS B 376 14.14 -24.44 3.83
CA LYS B 376 13.64 -25.20 4.97
C LYS B 376 12.66 -26.29 4.53
N GLY B 377 11.89 -26.03 3.49
CA GLY B 377 10.90 -26.98 3.01
C GLY B 377 9.50 -26.42 2.93
N GLU B 378 9.27 -25.19 3.38
CA GLU B 378 7.95 -24.58 3.36
C GLU B 378 7.68 -23.99 1.97
N SER B 379 6.59 -23.27 1.83
CA SER B 379 6.16 -22.75 0.54
C SER B 379 6.62 -21.30 0.38
N MET B 380 7.10 -20.97 -0.80
CA MET B 380 7.34 -19.60 -1.17
C MET B 380 6.08 -18.91 -1.72
N VAL B 381 5.01 -19.66 -1.92
CA VAL B 381 3.77 -19.14 -2.47
C VAL B 381 2.71 -19.19 -1.37
N SER B 382 2.15 -18.04 -1.04
CA SER B 382 1.18 -17.92 0.03
C SER B 382 -0.23 -17.83 -0.54
N ASP B 383 -1.20 -17.58 0.36
CA ASP B 383 -2.59 -17.47 -0.06
C ASP B 383 -2.84 -16.18 -0.83
N GLY B 384 -2.01 -15.16 -0.62
CA GLY B 384 -2.17 -13.92 -1.36
C GLY B 384 -1.74 -14.05 -2.81
N THR B 385 -0.78 -14.92 -3.08
CA THR B 385 -0.31 -15.11 -4.45
C THR B 385 -1.35 -15.82 -5.29
N VAL B 386 -2.16 -16.69 -4.68
CA VAL B 386 -3.19 -17.38 -5.43
C VAL B 386 -4.35 -16.44 -5.73
N ALA B 387 -4.60 -15.47 -4.84
CA ALA B 387 -5.70 -14.54 -5.05
C ALA B 387 -5.35 -13.49 -6.09
N ILE B 388 -4.11 -13.03 -6.12
CA ILE B 388 -3.68 -12.07 -7.14
C ILE B 388 -3.62 -12.75 -8.50
N PHE B 389 -3.19 -14.00 -8.56
CA PHE B 389 -3.06 -14.71 -9.83
C PHE B 389 -4.41 -14.96 -10.48
N ILE B 390 -5.46 -15.17 -9.68
CA ILE B 390 -6.79 -15.35 -10.25
C ILE B 390 -7.36 -14.01 -10.68
N GLY B 391 -7.14 -12.96 -9.88
CA GLY B 391 -7.64 -11.65 -10.22
C GLY B 391 -6.96 -11.02 -11.43
N ILE B 392 -5.75 -11.45 -11.73
CA ILE B 392 -5.09 -10.99 -12.96
C ILE B 392 -5.71 -11.67 -14.18
N ILE B 393 -6.10 -12.95 -14.03
CA ILE B 393 -6.68 -13.72 -15.13
C ILE B 393 -8.03 -13.14 -15.55
N MET B 394 -8.77 -12.55 -14.62
CA MET B 394 -10.05 -11.91 -14.95
C MET B 394 -9.90 -10.66 -15.78
N PHE B 395 -8.70 -10.08 -15.88
CA PHE B 395 -8.47 -9.00 -16.82
C PHE B 395 -8.18 -9.49 -18.22
N ILE B 396 -8.03 -10.79 -18.41
CA ILE B 396 -7.59 -11.35 -19.68
C ILE B 396 -8.74 -12.02 -20.43
N ILE B 397 -9.62 -12.70 -19.72
CA ILE B 397 -10.67 -13.49 -20.38
C ILE B 397 -11.75 -12.55 -20.92
N PRO B 398 -12.17 -12.71 -22.17
CA PRO B 398 -13.26 -11.88 -22.68
C PRO B 398 -14.59 -12.24 -22.06
N SER B 399 -15.48 -11.26 -22.00
CA SER B 399 -16.75 -11.46 -21.32
C SER B 399 -17.83 -12.03 -22.22
N LYS B 400 -17.77 -11.75 -23.52
CA LYS B 400 -18.79 -12.20 -24.47
C LYS B 400 -18.09 -12.68 -25.74
N PHE B 401 -17.18 -13.66 -25.56
CA PHE B 401 -16.03 -14.04 -26.41
C PHE B 401 -16.13 -13.84 -27.93
N PRO B 402 -17.23 -14.22 -28.66
CA PRO B 402 -17.35 -13.80 -30.06
C PRO B 402 -18.09 -12.46 -30.21
N GLY B 403 -17.69 -11.47 -29.42
CA GLY B 403 -18.43 -10.22 -29.36
C GLY B 403 -17.88 -9.11 -30.22
N LEU B 404 -17.89 -9.32 -31.53
CA LEU B 404 -17.39 -8.31 -32.46
C LEU B 404 -18.46 -7.25 -32.66
N THR B 405 -18.39 -6.21 -31.84
CA THR B 405 -19.33 -5.10 -31.92
C THR B 405 -18.81 -4.06 -32.91
N GLN B 406 -19.44 -2.88 -32.91
CA GLN B 406 -19.06 -1.80 -33.81
C GLN B 406 -18.66 -0.57 -33.00
N ASP B 407 -17.69 0.16 -33.52
CA ASP B 407 -17.26 1.39 -32.87
C ASP B 407 -17.92 2.59 -33.54
N PRO B 408 -18.35 3.60 -32.79
CA PRO B 408 -19.00 4.76 -33.42
C PRO B 408 -18.06 5.58 -34.28
N GLU B 409 -16.92 6.01 -33.74
CA GLU B 409 -15.86 6.59 -34.55
C GLU B 409 -15.23 5.51 -35.41
N ASN B 410 -14.74 5.89 -36.60
CA ASN B 410 -14.17 5.07 -37.68
C ASN B 410 -14.94 3.76 -37.87
N PRO B 411 -16.12 3.81 -38.52
CA PRO B 411 -17.07 2.67 -38.52
C PRO B 411 -16.48 1.37 -39.04
N GLY B 412 -15.92 1.38 -40.25
CA GLY B 412 -14.57 0.89 -40.48
C GLY B 412 -14.14 -0.31 -39.65
N LYS B 413 -13.15 -0.10 -38.79
CA LYS B 413 -12.62 -1.13 -37.91
C LYS B 413 -13.64 -1.51 -36.84
N LEU B 414 -13.43 -2.67 -36.23
CA LEU B 414 -14.37 -3.23 -35.26
C LEU B 414 -13.84 -3.00 -33.85
N LYS B 415 -14.62 -3.46 -32.87
CA LYS B 415 -14.25 -3.30 -31.47
C LYS B 415 -14.23 -4.65 -30.78
N ALA B 416 -13.45 -4.76 -29.74
CA ALA B 416 -13.21 -5.93 -28.91
C ALA B 416 -14.10 -5.92 -27.67
N PRO B 417 -14.50 -7.08 -27.17
CA PRO B 417 -15.26 -7.09 -25.92
C PRO B 417 -14.37 -6.81 -24.73
N LEU B 418 -14.96 -6.22 -23.71
CA LEU B 418 -14.21 -5.95 -22.49
C LEU B 418 -14.00 -7.24 -21.71
N GLY B 419 -13.01 -7.22 -20.83
CA GLY B 419 -12.72 -8.37 -20.00
C GLY B 419 -13.75 -8.54 -18.89
N LEU B 420 -13.50 -9.56 -18.07
CA LEU B 420 -14.36 -9.76 -16.91
C LEU B 420 -14.14 -8.70 -15.83
N LEU B 421 -13.03 -7.98 -15.90
CA LEU B 421 -12.78 -6.83 -15.05
C LEU B 421 -12.07 -5.77 -15.87
N ASP B 422 -12.55 -4.54 -15.81
CA ASP B 422 -11.84 -3.39 -16.32
C ASP B 422 -11.51 -2.45 -15.17
N TRP B 423 -10.53 -1.57 -15.39
CA TRP B 423 -10.05 -0.75 -14.28
C TRP B 423 -11.05 0.34 -13.88
N LYS B 424 -11.97 0.69 -14.77
CA LYS B 424 -12.96 1.71 -14.45
C LYS B 424 -13.92 1.21 -13.36
N THR B 425 -14.30 -0.06 -13.40
CA THR B 425 -15.20 -0.58 -12.37
C THR B 425 -14.46 -1.09 -11.15
N VAL B 426 -13.15 -1.34 -11.25
CA VAL B 426 -12.38 -1.70 -10.08
C VAL B 426 -12.08 -0.46 -9.24
N ASN B 427 -11.89 0.68 -9.91
CA ASN B 427 -11.58 1.92 -9.20
C ASN B 427 -12.77 2.44 -8.41
N GLN B 428 -13.99 2.07 -8.80
CA GLN B 428 -15.17 2.52 -8.07
C GLN B 428 -15.49 1.61 -6.90
N LYS B 429 -15.58 0.30 -7.15
CA LYS B 429 -16.13 -0.64 -6.20
C LYS B 429 -15.09 -1.21 -5.24
N MET B 430 -13.90 -0.65 -5.20
CA MET B 430 -12.93 -1.22 -4.29
C MET B 430 -12.95 -0.48 -2.96
N PRO B 431 -12.99 -1.17 -1.84
CA PRO B 431 -12.87 -0.48 -0.55
C PRO B 431 -11.43 -0.10 -0.26
N TRP B 432 -11.00 1.05 -0.78
CA TRP B 432 -9.61 1.45 -0.60
C TRP B 432 -9.29 1.90 0.81
N ASN B 433 -10.31 2.22 1.62
CA ASN B 433 -10.04 2.63 3.00
C ASN B 433 -9.69 1.45 3.88
N ILE B 434 -10.13 0.25 3.52
CA ILE B 434 -9.85 -0.93 4.34
C ILE B 434 -8.41 -1.38 4.16
N VAL B 435 -7.84 -1.12 2.97
CA VAL B 435 -6.43 -1.43 2.73
C VAL B 435 -5.54 -0.56 3.61
N LEU B 436 -5.93 0.69 3.81
CA LEU B 436 -5.20 1.55 4.74
C LEU B 436 -5.53 1.23 6.19
N LEU B 437 -6.77 0.82 6.48
CA LEU B 437 -7.13 0.49 7.86
C LEU B 437 -6.44 -0.78 8.32
N LEU B 438 -6.28 -1.75 7.43
CA LEU B 438 -5.55 -2.96 7.79
C LEU B 438 -4.07 -2.68 7.93
N GLY B 439 -3.54 -1.75 7.15
CA GLY B 439 -2.13 -1.42 7.25
C GLY B 439 -1.79 -0.64 8.49
N GLY B 440 -2.77 0.10 9.01
CA GLY B 440 -2.54 0.84 10.24
C GLY B 440 -2.53 -0.05 11.47
N GLY B 441 -3.02 -1.28 11.32
CA GLY B 441 -2.97 -2.22 12.44
C GLY B 441 -1.63 -2.90 12.57
N TYR B 442 -0.93 -3.09 11.45
CA TYR B 442 0.40 -3.70 11.52
C TYR B 442 1.42 -2.70 12.04
N ALA B 443 1.31 -1.44 11.64
CA ALA B 443 2.25 -0.43 12.09
C ALA B 443 2.05 -0.09 13.55
N LEU B 444 0.81 -0.25 14.04
CA LEU B 444 0.56 -0.06 15.47
C LEU B 444 1.12 -1.22 16.28
N ALA B 445 1.18 -2.40 15.69
CA ALA B 445 1.71 -3.57 16.41
C ALA B 445 3.22 -3.64 16.30
N LYS B 446 3.78 -3.16 15.19
CA LYS B 446 5.23 -3.18 15.03
C LYS B 446 5.89 -2.16 15.95
N GLY B 447 5.27 -1.00 16.13
CA GLY B 447 5.80 -0.02 17.05
C GLY B 447 5.65 -0.42 18.50
N SER B 448 4.80 -1.40 18.79
CA SER B 448 4.69 -1.92 20.15
C SER B 448 5.85 -2.86 20.47
N GLU B 449 6.47 -3.45 19.46
CA GLU B 449 7.63 -4.31 19.70
C GLU B 449 8.92 -3.49 19.74
N ARG B 450 9.03 -2.49 18.88
CA ARG B 450 10.24 -1.69 18.80
C ARG B 450 10.41 -0.76 20.00
N SER B 451 9.34 -0.46 20.72
CA SER B 451 9.47 0.34 21.93
C SER B 451 9.79 -0.52 23.14
N GLY B 452 9.22 -1.72 23.21
CA GLY B 452 9.37 -2.55 24.36
C GLY B 452 8.14 -2.67 25.22
N LEU B 453 6.96 -2.38 24.67
CA LEU B 453 5.74 -2.45 25.47
C LEU B 453 5.31 -3.90 25.70
N SER B 454 5.56 -4.77 24.72
CA SER B 454 5.23 -6.18 24.91
C SER B 454 6.19 -6.84 25.90
N GLU B 455 7.44 -6.40 25.91
CA GLU B 455 8.41 -6.97 26.84
C GLU B 455 8.15 -6.45 28.25
N TRP B 456 7.68 -5.21 28.38
CA TRP B 456 7.42 -4.65 29.70
C TRP B 456 6.21 -5.32 30.35
N LEU B 457 5.16 -5.58 29.57
CA LEU B 457 3.99 -6.25 30.13
C LEU B 457 4.27 -7.72 30.40
N GLY B 458 5.17 -8.33 29.62
CA GLY B 458 5.52 -9.72 29.87
C GLY B 458 6.27 -9.92 31.16
N ASN B 459 7.10 -8.96 31.55
CA ASN B 459 7.83 -9.06 32.80
C ASN B 459 7.01 -8.66 34.01
N LYS B 460 5.72 -8.37 33.83
CA LYS B 460 4.80 -8.15 34.94
C LYS B 460 3.97 -9.38 35.25
N LEU B 461 4.01 -10.41 34.40
CA LEU B 461 3.30 -11.65 34.68
C LEU B 461 4.03 -12.54 35.67
N THR B 462 5.33 -12.32 35.87
CA THR B 462 6.18 -13.09 36.76
C THR B 462 5.76 -13.09 38.23
N PRO B 463 5.38 -11.95 38.90
CA PRO B 463 5.04 -12.06 40.33
C PRO B 463 3.67 -12.63 40.64
N LEU B 464 3.01 -13.24 39.65
CA LEU B 464 1.71 -13.90 39.85
C LEU B 464 1.83 -15.31 40.40
N GLN B 465 2.96 -15.68 41.00
CA GLN B 465 3.13 -17.04 41.50
C GLN B 465 2.33 -17.29 42.76
N SER B 466 2.09 -16.27 43.57
CA SER B 466 1.42 -16.46 44.86
C SER B 466 -0.09 -16.30 44.74
N VAL B 467 -0.66 -16.99 43.76
CA VAL B 467 -2.11 -17.10 43.56
C VAL B 467 -2.34 -18.61 43.45
N PRO B 468 -3.46 -19.15 43.93
CA PRO B 468 -3.75 -20.57 43.70
C PRO B 468 -3.90 -20.89 42.23
N ALA B 469 -3.39 -22.05 41.84
CA ALA B 469 -3.16 -22.48 40.46
C ALA B 469 -4.36 -22.49 39.51
N PRO B 470 -5.60 -22.78 39.93
CA PRO B 470 -6.73 -22.55 39.01
C PRO B 470 -7.00 -21.09 38.72
N ALA B 471 -6.54 -20.16 39.55
CA ALA B 471 -6.79 -18.75 39.30
C ALA B 471 -5.65 -18.07 38.56
N ILE B 472 -4.56 -18.77 38.28
CA ILE B 472 -3.52 -18.20 37.44
C ILE B 472 -3.91 -18.35 35.98
N ALA B 473 -4.74 -19.35 35.66
CA ALA B 473 -5.15 -19.54 34.27
C ALA B 473 -6.23 -18.55 33.86
N ILE B 474 -6.95 -17.98 34.83
CA ILE B 474 -8.03 -17.06 34.50
C ILE B 474 -7.50 -15.64 34.38
N ILE B 475 -6.64 -15.23 35.33
CA ILE B 475 -6.07 -13.88 35.31
C ILE B 475 -5.17 -13.69 34.09
N LEU B 476 -4.42 -14.72 33.73
CA LEU B 476 -3.54 -14.65 32.57
C LEU B 476 -4.34 -14.62 31.27
N SER B 477 -5.51 -15.25 31.25
CA SER B 477 -6.32 -15.23 30.03
C SER B 477 -6.96 -13.87 29.81
N LEU B 478 -7.30 -13.18 30.90
CA LEU B 478 -7.88 -11.84 30.77
C LEU B 478 -6.84 -10.83 30.32
N LEU B 479 -5.60 -11.00 30.76
CA LEU B 479 -4.57 -10.02 30.45
C LEU B 479 -4.06 -10.19 29.02
N VAL B 480 -4.11 -11.41 28.50
CA VAL B 480 -3.68 -11.62 27.12
C VAL B 480 -4.77 -11.21 26.15
N ALA B 481 -6.02 -11.58 26.44
CA ALA B 481 -7.14 -11.24 25.56
C ALA B 481 -7.44 -9.75 25.52
N THR B 482 -7.05 -9.01 26.55
CA THR B 482 -7.16 -7.56 26.51
C THR B 482 -6.02 -6.96 25.69
N PHE B 483 -4.79 -7.41 25.95
CA PHE B 483 -3.62 -6.84 25.30
C PHE B 483 -3.53 -7.23 23.82
N THR B 484 -4.13 -8.34 23.42
CA THR B 484 -4.03 -8.72 22.01
C THR B 484 -4.95 -7.90 21.12
N GLU B 485 -5.84 -7.08 21.68
CA GLU B 485 -6.66 -6.19 20.87
C GLU B 485 -5.83 -5.09 20.23
N CYS B 486 -4.66 -4.78 20.78
CA CYS B 486 -3.78 -3.76 20.23
C CYS B 486 -2.71 -4.33 19.31
N THR B 487 -2.06 -5.42 19.71
CA THR B 487 -0.91 -5.95 19.00
C THR B 487 -1.29 -7.21 18.23
N SER B 488 -0.27 -7.84 17.63
CA SER B 488 -0.49 -9.00 16.80
C SER B 488 -0.51 -10.27 17.65
N ASN B 489 -1.09 -11.33 17.08
CA ASN B 489 -1.19 -12.59 17.79
C ASN B 489 0.13 -13.35 17.78
N VAL B 490 0.89 -13.25 16.68
CA VAL B 490 2.11 -14.03 16.55
C VAL B 490 3.22 -13.45 17.42
N ALA B 491 3.28 -12.13 17.56
CA ALA B 491 4.37 -11.53 18.31
C ALA B 491 4.10 -11.54 19.81
N THR B 492 2.83 -11.53 20.20
CA THR B 492 2.49 -11.65 21.61
C THR B 492 2.77 -13.06 22.12
N THR B 493 2.58 -14.06 21.27
CA THR B 493 2.71 -15.45 21.69
C THR B 493 4.19 -15.83 21.85
N THR B 494 5.04 -15.41 20.92
CA THR B 494 6.45 -15.78 21.00
C THR B 494 7.22 -15.03 22.08
N ILE B 495 6.63 -13.99 22.66
CA ILE B 495 7.26 -13.29 23.77
C ILE B 495 6.78 -13.86 25.11
N PHE B 496 5.48 -14.11 25.23
CA PHE B 496 4.91 -14.52 26.50
C PHE B 496 5.19 -15.96 26.85
N LEU B 497 5.29 -16.85 25.87
CA LEU B 497 5.44 -18.27 26.10
C LEU B 497 6.76 -18.71 26.74
N PRO B 498 7.93 -18.09 26.46
CA PRO B 498 9.10 -18.44 27.29
C PRO B 498 9.00 -17.95 28.72
N ILE B 499 8.23 -16.91 29.00
CA ILE B 499 8.12 -16.40 30.36
C ILE B 499 7.25 -17.31 31.20
N LEU B 500 6.20 -17.87 30.60
CA LEU B 500 5.27 -18.69 31.37
C LEU B 500 5.81 -20.08 31.61
N ALA B 501 6.75 -20.54 30.79
CA ALA B 501 7.39 -21.81 31.05
C ALA B 501 8.32 -21.72 32.24
N SER B 502 9.06 -20.61 32.36
CA SER B 502 9.97 -20.44 33.48
C SER B 502 9.23 -20.16 34.77
N MET B 503 8.02 -19.60 34.67
CA MET B 503 7.21 -19.38 35.86
C MET B 503 6.55 -20.68 36.32
N ALA B 504 6.27 -21.59 35.40
CA ALA B 504 5.60 -22.83 35.77
C ALA B 504 6.58 -23.82 36.39
N GLN B 505 7.86 -23.70 36.05
CA GLN B 505 8.85 -24.62 36.63
C GLN B 505 9.20 -24.26 38.06
N ALA B 506 8.84 -23.05 38.51
CA ALA B 506 9.25 -22.61 39.83
C ALA B 506 8.22 -22.91 40.91
N ILE B 507 6.99 -23.26 40.54
CA ILE B 507 5.95 -23.51 41.55
C ILE B 507 5.40 -24.91 41.42
N CYS B 508 6.25 -25.83 40.95
CA CYS B 508 5.95 -27.25 40.65
C CYS B 508 4.61 -27.43 39.95
N LEU B 509 4.41 -26.65 38.91
CA LEU B 509 3.21 -26.70 38.08
C LEU B 509 3.57 -27.27 36.72
N HIS B 510 2.63 -27.98 36.14
CA HIS B 510 2.85 -28.51 34.80
C HIS B 510 2.77 -27.37 33.80
N PRO B 511 3.67 -27.29 32.84
CA PRO B 511 3.42 -26.47 31.65
C PRO B 511 2.26 -27.03 30.84
N LEU B 512 1.86 -26.27 29.81
CA LEU B 512 0.61 -26.44 29.06
C LEU B 512 -0.63 -26.31 29.96
N TYR B 513 -0.47 -25.78 31.17
CA TYR B 513 -1.55 -25.34 32.01
C TYR B 513 -1.64 -23.83 32.07
N VAL B 514 -0.49 -23.16 31.96
CA VAL B 514 -0.42 -21.73 31.76
C VAL B 514 -0.03 -21.37 30.35
N MET B 515 0.33 -22.35 29.52
CA MET B 515 0.65 -22.09 28.13
C MET B 515 -0.50 -22.38 27.18
N LEU B 516 -1.38 -23.30 27.53
CA LEU B 516 -2.53 -23.59 26.69
C LEU B 516 -3.62 -22.51 26.76
N PRO B 517 -3.95 -21.92 27.91
CA PRO B 517 -4.81 -20.72 27.85
C PRO B 517 -4.12 -19.52 27.23
N CYS B 518 -2.80 -19.44 27.28
CA CYS B 518 -2.13 -18.31 26.64
C CYS B 518 -2.14 -18.44 25.12
N THR B 519 -2.27 -19.64 24.59
CA THR B 519 -2.32 -19.80 23.13
C THR B 519 -3.72 -19.57 22.61
N LEU B 520 -4.73 -20.04 23.34
CA LEU B 520 -6.11 -19.89 22.91
C LEU B 520 -6.64 -18.48 23.11
N ALA B 521 -6.08 -17.70 24.02
CA ALA B 521 -6.62 -16.38 24.28
C ALA B 521 -6.09 -15.31 23.35
N THR B 522 -5.09 -15.61 22.53
CA THR B 522 -4.70 -14.65 21.51
C THR B 522 -5.62 -14.65 20.30
N SER B 523 -6.54 -15.59 20.23
CA SER B 523 -7.55 -15.62 19.18
C SER B 523 -8.88 -15.06 19.63
N LEU B 524 -8.98 -14.59 20.87
CA LEU B 524 -10.18 -13.91 21.34
C LEU B 524 -9.98 -12.40 21.20
N ALA B 525 -10.03 -11.94 19.96
CA ALA B 525 -9.86 -10.54 19.61
C ALA B 525 -11.16 -10.06 18.99
N PHE B 526 -11.98 -9.35 19.77
CA PHE B 526 -13.35 -9.08 19.37
C PHE B 526 -13.77 -7.61 19.42
N MET B 527 -12.87 -6.68 19.75
CA MET B 527 -13.28 -5.31 20.03
C MET B 527 -12.75 -4.29 19.03
N LEU B 528 -11.46 -4.30 18.75
CA LEU B 528 -10.93 -3.22 17.92
C LEU B 528 -10.63 -3.72 16.51
N PRO B 529 -10.71 -2.85 15.51
CA PRO B 529 -10.50 -3.27 14.12
C PRO B 529 -9.06 -3.59 13.74
N VAL B 530 -8.09 -3.50 14.64
CA VAL B 530 -6.71 -3.79 14.27
C VAL B 530 -6.27 -5.20 14.59
N ALA B 531 -6.91 -5.86 15.54
CA ALA B 531 -6.59 -7.24 15.87
C ALA B 531 -7.51 -8.14 15.06
N THR B 532 -6.96 -9.29 14.62
CA THR B 532 -7.61 -10.29 13.76
C THR B 532 -8.16 -9.63 12.49
N PRO B 533 -7.33 -9.55 11.44
CA PRO B 533 -7.70 -8.83 10.17
C PRO B 533 -9.06 -9.16 9.58
N PRO B 534 -9.73 -10.30 9.92
CA PRO B 534 -11.19 -10.34 9.80
C PRO B 534 -11.98 -9.18 10.42
N ASN B 535 -11.46 -8.52 11.45
CA ASN B 535 -12.23 -7.45 12.10
C ASN B 535 -12.31 -6.20 11.25
N ALA B 536 -11.43 -6.01 10.30
CA ALA B 536 -11.47 -4.80 9.48
C ALA B 536 -12.15 -5.01 8.15
N ILE B 537 -12.30 -6.26 7.71
CA ILE B 537 -12.92 -6.54 6.43
C ILE B 537 -14.43 -6.30 6.47
N VAL B 538 -15.05 -6.41 7.66
CA VAL B 538 -16.49 -6.21 7.74
C VAL B 538 -16.93 -4.76 7.63
N PHE B 539 -16.00 -3.81 7.64
CA PHE B 539 -16.31 -2.41 7.42
C PHE B 539 -16.22 -2.02 5.95
N SER B 540 -16.24 -3.00 5.04
CA SER B 540 -16.06 -2.69 3.62
C SER B 540 -17.29 -2.02 3.00
N PHE B 541 -18.45 -2.12 3.65
CA PHE B 541 -19.68 -1.59 3.09
C PHE B 541 -20.30 -0.49 3.93
N GLY B 542 -19.74 -0.18 5.09
CA GLY B 542 -20.12 1.00 5.84
C GLY B 542 -21.42 0.91 6.59
N ASP B 543 -21.98 -0.29 6.76
CA ASP B 543 -23.22 -0.45 7.49
C ASP B 543 -23.00 -0.69 8.98
N LEU B 544 -21.78 -0.58 9.47
CA LEU B 544 -21.46 -0.76 10.87
C LEU B 544 -20.87 0.52 11.45
N LYS B 545 -20.83 0.55 12.77
CA LYS B 545 -20.02 1.50 13.52
C LYS B 545 -18.99 0.72 14.32
N VAL B 546 -17.88 1.38 14.65
CA VAL B 546 -16.87 0.73 15.46
C VAL B 546 -17.36 0.60 16.90
N LEU B 547 -18.30 1.45 17.31
CA LEU B 547 -18.94 1.29 18.61
C LEU B 547 -19.79 0.04 18.66
N ASP B 548 -20.43 -0.34 17.56
CA ASP B 548 -21.27 -1.53 17.55
C ASP B 548 -20.44 -2.80 17.65
N MET B 549 -19.21 -2.77 17.15
CA MET B 549 -18.32 -3.90 17.32
C MET B 549 -17.81 -3.98 18.75
N ALA B 550 -17.48 -2.83 19.35
CA ALA B 550 -16.97 -2.82 20.71
C ALA B 550 -18.08 -3.07 21.72
N ARG B 551 -19.33 -2.88 21.32
CA ARG B 551 -20.43 -3.12 22.24
C ARG B 551 -20.77 -4.60 22.32
N ALA B 552 -20.49 -5.34 21.26
CA ALA B 552 -20.72 -6.78 21.25
C ALA B 552 -19.49 -7.58 21.61
N GLY B 553 -18.30 -7.00 21.50
CA GLY B 553 -17.09 -7.76 21.69
C GLY B 553 -16.53 -7.70 23.09
N PHE B 554 -17.07 -6.84 23.95
CA PHE B 554 -16.54 -6.74 25.29
C PHE B 554 -16.99 -7.92 26.15
N LEU B 555 -18.28 -8.21 26.15
CA LEU B 555 -18.76 -9.33 26.95
C LEU B 555 -18.42 -10.67 26.31
N LEU B 556 -18.08 -10.68 25.01
CA LEU B 556 -17.68 -11.93 24.38
C LEU B 556 -16.26 -12.32 24.76
N ASN B 557 -15.45 -11.36 25.23
CA ASN B 557 -14.15 -11.71 25.77
C ASN B 557 -14.29 -12.41 27.11
N ILE B 558 -15.20 -11.94 27.95
CA ILE B 558 -15.38 -12.54 29.28
C ILE B 558 -16.11 -13.86 29.18
N ILE B 559 -16.93 -14.04 28.14
CA ILE B 559 -17.53 -15.35 27.90
C ILE B 559 -16.47 -16.32 27.41
N GLY B 560 -15.56 -15.85 26.55
CA GLY B 560 -14.55 -16.73 26.00
C GLY B 560 -13.49 -17.14 26.99
N VAL B 561 -13.30 -16.33 28.04
CA VAL B 561 -12.35 -16.71 29.08
C VAL B 561 -12.94 -17.79 29.97
N LEU B 562 -14.23 -17.71 30.26
CA LEU B 562 -14.87 -18.70 31.12
C LEU B 562 -15.10 -20.02 30.40
N VAL B 563 -14.97 -20.05 29.07
CA VAL B 563 -15.04 -21.33 28.37
C VAL B 563 -13.69 -22.00 28.33
N ILE B 564 -12.62 -21.20 28.12
CA ILE B 564 -11.26 -21.73 28.15
C ILE B 564 -10.90 -22.24 29.54
N ALA B 565 -11.34 -21.53 30.58
CA ALA B 565 -11.11 -22.00 31.94
C ALA B 565 -11.97 -23.19 32.31
N LEU B 566 -12.97 -23.54 31.50
CA LEU B 566 -13.69 -24.78 31.71
C LEU B 566 -13.01 -25.94 31.00
N ALA B 567 -12.47 -25.69 29.81
CA ALA B 567 -11.84 -26.74 29.04
C ALA B 567 -10.47 -27.12 29.57
N ILE B 568 -9.87 -26.30 30.43
CA ILE B 568 -8.57 -26.63 30.98
C ILE B 568 -8.69 -27.29 32.33
N ASN B 569 -9.88 -27.29 32.95
CA ASN B 569 -10.11 -27.97 34.20
C ASN B 569 -11.07 -29.14 34.08
N SER B 570 -11.57 -29.42 32.89
CA SER B 570 -12.42 -30.58 32.63
C SER B 570 -12.24 -30.95 31.18
N TRP B 571 -12.01 -32.24 30.92
CA TRP B 571 -11.58 -32.86 29.65
C TRP B 571 -10.28 -32.26 29.11
N GLY B 572 -9.52 -31.52 29.93
CA GLY B 572 -8.22 -31.06 29.52
C GLY B 572 -7.20 -31.66 30.46
N ILE B 573 -7.69 -32.09 31.61
CA ILE B 573 -6.88 -32.78 32.62
C ILE B 573 -6.57 -34.23 32.26
N PRO B 574 -7.52 -35.09 31.83
CA PRO B 574 -7.09 -36.47 31.55
C PRO B 574 -6.27 -36.64 30.29
N LEU B 575 -6.56 -35.93 29.21
CA LEU B 575 -5.86 -36.19 27.96
C LEU B 575 -4.54 -35.44 27.85
N PHE B 576 -4.08 -34.79 28.92
CA PHE B 576 -2.75 -34.24 28.96
C PHE B 576 -2.01 -34.57 30.24
N SER B 577 -2.67 -35.20 31.22
CA SER B 577 -2.17 -35.46 32.57
C SER B 577 -1.60 -34.20 33.22
N LEU B 578 -2.49 -33.24 33.45
CA LEU B 578 -2.12 -31.93 33.98
C LEU B 578 -1.95 -31.93 35.49
N HIS B 579 -2.02 -33.08 36.16
CA HIS B 579 -1.89 -33.16 37.60
C HIS B 579 -0.65 -33.93 38.04
N SER B 580 0.43 -33.85 37.27
CA SER B 580 1.53 -34.78 37.56
C SER B 580 2.89 -34.12 37.69
N PHE B 581 3.13 -33.01 36.97
CA PHE B 581 4.44 -32.40 36.76
C PHE B 581 5.44 -33.42 36.25
N PRO B 582 5.37 -33.77 34.98
CA PRO B 582 6.05 -34.96 34.45
C PRO B 582 7.57 -34.84 34.38
N SER B 583 8.20 -35.88 33.83
CA SER B 583 9.65 -36.01 33.87
C SER B 583 10.36 -35.33 32.72
N TRP B 584 9.69 -34.50 31.94
CA TRP B 584 10.38 -33.74 30.90
C TRP B 584 10.42 -32.25 31.18
N ALA B 585 9.94 -31.81 32.34
CA ALA B 585 9.95 -30.41 32.71
C ALA B 585 10.89 -30.13 33.88
N GLN B 586 11.72 -31.10 34.27
CA GLN B 586 12.70 -30.85 35.31
C GLN B 586 13.84 -30.01 34.77
N SER B 587 14.63 -29.47 35.68
CA SER B 587 15.81 -28.69 35.33
C SER B 587 16.84 -28.86 36.43
N ASN B 588 17.86 -28.00 36.41
CA ASN B 588 18.85 -28.00 37.46
C ASN B 588 18.45 -27.16 38.66
N THR B 589 17.37 -26.37 38.54
CA THR B 589 16.98 -25.43 39.57
C THR B 589 15.72 -25.84 40.32
N THR B 590 15.00 -26.86 39.86
CA THR B 590 13.68 -27.14 40.43
C THR B 590 13.77 -27.91 41.74
N ALA B 591 14.31 -29.12 41.71
CA ALA B 591 14.39 -29.95 42.89
C ALA B 591 15.54 -30.94 42.76
#